data_7KPF
#
_entry.id   7KPF
#
_cell.length_a   84.727
_cell.length_b   107.515
_cell.length_c   115.080
_cell.angle_alpha   90.000
_cell.angle_beta   90.000
_cell.angle_gamma   90.000
#
_symmetry.space_group_name_H-M   'P 21 21 21'
#
loop_
_entity.id
_entity.type
_entity.pdbx_description
1 polymer 'Nucleoside diphosphate kinase B'
2 non-polymer TETRADECANOYL-COA
3 non-polymer 'MAGNESIUM ION'
4 non-polymer GLYCEROL
5 water water
#
_entity_poly.entity_id   1
_entity_poly.type   'polypeptide(L)'
_entity_poly.pdbx_seq_one_letter_code
;MANLERTFIAIKPDGVQRGLVGEIIKRFEQKGFRLVAMKFLRASEEHLKQHYIDLKDRPFFPGLVKYMNSGPVVAMVWEG
LNVVKTGRVMLGETNPADSKPGTIRGDFCIQVGRNIIHGSDSVKSAEKEISLWFKPEELVDYKSCAHDWVYE
;
_entity_poly.pdbx_strand_id   A,B,C,D,E,F
#
# COMPACT_ATOMS: atom_id res chain seq x y z
N MET A 1 -27.48 9.41 19.85
CA MET A 1 -26.16 10.01 19.91
C MET A 1 -25.71 10.30 18.45
N ALA A 2 -24.83 11.32 18.27
CA ALA A 2 -24.35 11.75 16.96
C ALA A 2 -23.48 10.71 16.26
N ASN A 3 -22.93 9.74 17.01
CA ASN A 3 -22.06 8.72 16.43
C ASN A 3 -22.81 7.70 15.57
N LEU A 4 -24.13 7.75 15.54
CA LEU A 4 -24.90 6.78 14.76
C LEU A 4 -25.33 7.33 13.40
N GLU A 5 -24.87 8.52 13.04
CA GLU A 5 -25.18 9.08 11.74
C GLU A 5 -24.72 8.13 10.63
N ARG A 6 -25.52 8.05 9.57
CA ARG A 6 -25.27 7.16 8.46
C ARG A 6 -25.28 7.97 7.17
N THR A 7 -24.46 7.53 6.22
CA THR A 7 -24.44 8.12 4.90
C THR A 7 -24.45 7.01 3.85
N PHE A 8 -24.85 7.40 2.64
CA PHE A 8 -24.91 6.50 1.50
C PHE A 8 -23.72 6.80 0.58
N ILE A 9 -22.91 5.78 0.31
CA ILE A 9 -21.78 5.87 -0.60
C ILE A 9 -22.03 4.90 -1.74
N ALA A 10 -21.81 5.35 -2.97
CA ALA A 10 -21.96 4.48 -4.12
C ALA A 10 -20.70 4.55 -4.99
N ILE A 11 -20.10 3.41 -5.27
CA ILE A 11 -19.02 3.34 -6.24
C ILE A 11 -19.64 3.16 -7.61
N LYS A 12 -19.38 4.11 -8.50
CA LYS A 12 -19.99 4.20 -9.81
C LYS A 12 -19.35 3.23 -10.78
N PRO A 13 -19.96 3.01 -11.95
CA PRO A 13 -19.46 1.97 -12.85
C PRO A 13 -17.99 2.13 -13.21
N ASP A 14 -17.48 3.36 -13.31
CA ASP A 14 -16.06 3.54 -13.60
C ASP A 14 -15.19 3.14 -12.42
N GLY A 15 -15.68 3.32 -11.19
CA GLY A 15 -14.95 2.83 -10.04
C GLY A 15 -14.79 1.32 -10.05
N VAL A 16 -15.86 0.61 -10.44
CA VAL A 16 -15.77 -0.85 -10.56
C VAL A 16 -14.83 -1.22 -11.71
N GLN A 17 -15.01 -0.59 -12.86
CA GLN A 17 -14.27 -0.99 -14.05
C GLN A 17 -12.77 -0.79 -13.91
N ARG A 18 -12.33 0.21 -13.17
CA ARG A 18 -10.90 0.46 -12.99
C ARG A 18 -10.35 -0.20 -11.72
N GLY A 19 -11.12 -1.10 -11.11
CA GLY A 19 -10.65 -1.92 -10.02
C GLY A 19 -10.39 -1.20 -8.72
N LEU A 20 -11.24 -0.26 -8.34
CA LEU A 20 -10.98 0.57 -7.17
C LEU A 20 -11.87 0.26 -5.97
N VAL A 21 -12.68 -0.80 -6.04
CA VAL A 21 -13.63 -1.09 -4.96
C VAL A 21 -12.88 -1.31 -3.65
N GLY A 22 -11.83 -2.13 -3.69
CA GLY A 22 -11.10 -2.43 -2.47
C GLY A 22 -10.44 -1.20 -1.88
N GLU A 23 -9.77 -0.42 -2.72
CA GLU A 23 -9.10 0.80 -2.25
C GLU A 23 -10.07 1.71 -1.49
N ILE A 24 -11.27 1.91 -2.07
CA ILE A 24 -12.25 2.83 -1.49
C ILE A 24 -12.76 2.29 -0.16
N ILE A 25 -13.17 1.01 -0.15
CA ILE A 25 -13.65 0.41 1.09
C ILE A 25 -12.57 0.49 2.15
N LYS A 26 -11.31 0.31 1.75
CA LYS A 26 -10.20 0.40 2.70
C LYS A 26 -10.11 1.78 3.32
N ARG A 27 -10.27 2.83 2.52
CA ARG A 27 -10.17 4.18 3.08
C ARG A 27 -11.25 4.41 4.12
N PHE A 28 -12.47 3.94 3.84
CA PHE A 28 -13.53 4.13 4.84
C PHE A 28 -13.27 3.27 6.09
N GLU A 29 -12.85 2.02 5.91
CA GLU A 29 -12.58 1.15 7.06
C GLU A 29 -11.49 1.73 7.95
N GLN A 30 -10.38 2.18 7.35
CA GLN A 30 -9.25 2.64 8.13
C GLN A 30 -9.54 3.97 8.81
N LYS A 31 -10.47 4.75 8.28
CA LYS A 31 -10.85 5.98 8.97
C LYS A 31 -11.54 5.72 10.31
N GLY A 32 -12.20 4.57 10.47
CA GLY A 32 -12.93 4.28 11.70
C GLY A 32 -14.42 4.14 11.51
N PHE A 33 -14.95 4.33 10.30
CA PHE A 33 -16.37 4.18 10.05
C PHE A 33 -16.74 2.70 9.94
N ARG A 34 -18.00 2.40 10.24
CA ARG A 34 -18.51 1.04 10.27
C ARG A 34 -19.36 0.78 9.05
N LEU A 35 -19.07 -0.32 8.36
CA LEU A 35 -19.89 -0.74 7.24
C LEU A 35 -21.24 -1.26 7.74
N VAL A 36 -22.31 -0.66 7.27
CA VAL A 36 -23.66 -1.05 7.64
C VAL A 36 -24.32 -1.86 6.55
N ALA A 37 -24.12 -1.47 5.29
CA ALA A 37 -24.82 -2.19 4.24
C ALA A 37 -24.00 -2.12 2.97
N MET A 38 -24.15 -3.14 2.12
CA MET A 38 -23.41 -3.17 0.87
C MET A 38 -24.03 -4.18 -0.08
N LYS A 39 -24.18 -3.77 -1.34
CA LYS A 39 -24.58 -4.70 -2.38
C LYS A 39 -24.05 -4.21 -3.72
N PHE A 40 -24.09 -5.14 -4.69
CA PHE A 40 -23.48 -4.98 -6.00
C PHE A 40 -24.60 -5.19 -7.00
N LEU A 41 -24.87 -4.19 -7.82
CA LEU A 41 -26.04 -4.32 -8.70
C LEU A 41 -25.93 -3.36 -9.87
N ARG A 42 -26.64 -3.69 -10.95
CA ARG A 42 -26.89 -2.78 -12.05
C ARG A 42 -28.21 -2.05 -11.77
N ALA A 43 -28.12 -0.78 -11.39
CA ALA A 43 -29.33 -0.01 -11.09
C ALA A 43 -30.11 0.28 -12.36
N SER A 44 -31.43 0.12 -12.28
CA SER A 44 -32.31 0.40 -13.40
C SER A 44 -32.36 1.91 -13.67
N GLU A 45 -32.71 2.26 -14.92
CA GLU A 45 -32.81 3.67 -15.26
C GLU A 45 -33.83 4.40 -14.37
N GLU A 46 -35.00 3.80 -14.13
CA GLU A 46 -36.00 4.49 -13.31
C GLU A 46 -35.51 4.69 -11.88
N HIS A 47 -34.84 3.67 -11.32
CA HIS A 47 -34.22 3.83 -10.01
C HIS A 47 -33.26 5.01 -10.02
N LEU A 48 -32.46 5.14 -11.09
CA LEU A 48 -31.50 6.22 -11.15
C LEU A 48 -32.17 7.58 -11.35
N LYS A 49 -33.29 7.60 -12.08
CA LYS A 49 -34.04 8.84 -12.23
C LYS A 49 -34.57 9.31 -10.89
N GLN A 50 -35.09 8.38 -10.09
CA GLN A 50 -35.52 8.73 -8.74
C GLN A 50 -34.33 9.23 -7.91
N HIS A 51 -33.19 8.55 -8.01
CA HIS A 51 -32.04 8.95 -7.20
C HIS A 51 -31.60 10.38 -7.51
N TYR A 52 -31.55 10.73 -8.80
CA TYR A 52 -31.08 12.05 -9.23
C TYR A 52 -32.24 12.99 -9.58
N ILE A 53 -33.42 12.78 -8.99
CA ILE A 53 -34.58 13.56 -9.39
C ILE A 53 -34.33 15.06 -9.21
N ASP A 54 -33.56 15.46 -8.20
CA ASP A 54 -33.34 16.88 -8.01
C ASP A 54 -32.72 17.56 -9.23
N LEU A 55 -32.06 16.81 -10.13
CA LEU A 55 -31.39 17.31 -11.34
C LEU A 55 -32.15 16.94 -12.59
N LYS A 56 -33.45 16.72 -12.44
CA LYS A 56 -34.24 16.16 -13.54
C LYS A 56 -34.22 16.99 -14.80
N ASP A 57 -34.00 18.32 -14.70
CA ASP A 57 -33.95 19.21 -15.89
C ASP A 57 -32.64 20.02 -15.94
N ARG A 58 -31.56 19.32 -16.22
CA ARG A 58 -30.27 19.96 -16.50
C ARG A 58 -29.79 19.40 -17.83
N PRO A 59 -28.82 20.05 -18.48
CA PRO A 59 -28.35 19.57 -19.80
C PRO A 59 -27.81 18.15 -19.75
N PHE A 60 -27.14 17.77 -18.66
CA PHE A 60 -26.49 16.47 -18.58
C PHE A 60 -27.33 15.36 -17.93
N PHE A 61 -28.53 15.64 -17.43
CA PHE A 61 -29.24 14.58 -16.70
C PHE A 61 -29.41 13.33 -17.53
N PRO A 62 -29.78 13.38 -18.81
CA PRO A 62 -29.92 12.15 -19.59
C PRO A 62 -28.64 11.35 -19.69
N GLY A 63 -27.50 12.02 -19.89
CA GLY A 63 -26.24 11.29 -19.93
C GLY A 63 -25.92 10.59 -18.62
N LEU A 64 -26.07 11.31 -17.51
CA LEU A 64 -25.79 10.72 -16.20
C LEU A 64 -26.52 9.39 -16.04
N VAL A 65 -27.84 9.41 -16.21
CA VAL A 65 -28.62 8.21 -15.98
C VAL A 65 -28.14 7.07 -16.88
N LYS A 66 -27.79 7.38 -18.12
CA LYS A 66 -27.43 6.30 -19.03
C LYS A 66 -26.07 5.71 -18.69
N TYR A 67 -25.17 6.49 -18.12
CA TYR A 67 -23.86 5.97 -17.74
C TYR A 67 -23.92 5.22 -16.43
N MET A 68 -24.70 5.71 -15.47
CA MET A 68 -24.89 5.03 -14.20
C MET A 68 -25.56 3.69 -14.40
N ASN A 69 -26.22 3.47 -15.54
CA ASN A 69 -26.85 2.19 -15.88
C ASN A 69 -25.97 1.32 -16.76
N SER A 70 -24.86 1.86 -17.26
CA SER A 70 -24.00 1.17 -18.22
C SER A 70 -23.10 0.12 -17.58
N GLY A 71 -23.08 0.04 -16.26
CA GLY A 71 -22.35 -0.99 -15.57
C GLY A 71 -22.84 -1.13 -14.15
N PRO A 72 -22.30 -2.10 -13.43
CA PRO A 72 -22.71 -2.28 -12.04
C PRO A 72 -22.10 -1.21 -11.13
N VAL A 73 -22.79 -0.98 -10.02
CA VAL A 73 -22.34 -0.08 -8.96
C VAL A 73 -22.26 -0.89 -7.68
N VAL A 74 -21.50 -0.36 -6.73
CA VAL A 74 -21.47 -0.87 -5.36
C VAL A 74 -22.15 0.15 -4.47
N ALA A 75 -23.30 -0.21 -3.92
CA ALA A 75 -24.05 0.67 -3.02
C ALA A 75 -23.73 0.29 -1.57
N MET A 76 -23.52 1.31 -0.74
CA MET A 76 -23.08 1.08 0.63
C MET A 76 -23.69 2.11 1.58
N VAL A 77 -23.86 1.69 2.83
CA VAL A 77 -24.18 2.59 3.93
C VAL A 77 -23.07 2.47 4.97
N TRP A 78 -22.52 3.62 5.38
CA TRP A 78 -21.47 3.72 6.40
C TRP A 78 -21.93 4.58 7.57
N GLU A 79 -21.42 4.26 8.76
CA GLU A 79 -21.87 4.87 10.01
C GLU A 79 -20.72 5.47 10.79
N GLY A 80 -20.97 6.62 11.41
CA GLY A 80 -20.01 7.22 12.33
C GLY A 80 -20.28 8.68 12.53
N LEU A 81 -19.55 9.26 13.48
CA LEU A 81 -19.70 10.68 13.79
C LEU A 81 -19.39 11.52 12.56
N ASN A 82 -20.37 12.32 12.14
CA ASN A 82 -20.23 13.25 11.01
C ASN A 82 -19.86 12.52 9.71
N VAL A 83 -20.34 11.30 9.53
CA VAL A 83 -19.91 10.51 8.38
C VAL A 83 -20.35 11.17 7.08
N VAL A 84 -21.45 11.93 7.11
CA VAL A 84 -21.91 12.58 5.87
C VAL A 84 -20.87 13.59 5.39
N LYS A 85 -20.57 14.58 6.24
CA LYS A 85 -19.61 15.61 5.86
C LYS A 85 -18.20 15.05 5.72
N THR A 86 -17.78 14.20 6.65
CA THR A 86 -16.42 13.67 6.60
C THR A 86 -16.25 12.78 5.37
N GLY A 87 -17.25 11.96 5.06
CA GLY A 87 -17.20 11.19 3.83
C GLY A 87 -17.11 12.07 2.60
N ARG A 88 -17.83 13.20 2.60
CA ARG A 88 -17.69 14.10 1.45
C ARG A 88 -16.28 14.67 1.38
N VAL A 89 -15.68 15.02 2.52
CA VAL A 89 -14.29 15.45 2.50
C VAL A 89 -13.40 14.36 1.90
N MET A 90 -13.62 13.11 2.31
CA MET A 90 -12.78 12.01 1.85
C MET A 90 -12.92 11.78 0.36
N LEU A 91 -14.13 11.97 -0.18
CA LEU A 91 -14.32 11.79 -1.61
C LEU A 91 -13.56 12.84 -2.41
N GLY A 92 -13.43 14.06 -1.86
CA GLY A 92 -12.95 15.18 -2.63
C GLY A 92 -14.07 15.94 -3.30
N GLU A 93 -13.71 17.02 -3.97
CA GLU A 93 -14.71 17.83 -4.65
C GLU A 93 -15.40 17.00 -5.74
N THR A 94 -16.69 17.29 -5.94
CA THR A 94 -17.47 16.53 -6.92
C THR A 94 -16.81 16.56 -8.29
N ASN A 95 -16.23 17.70 -8.65
CA ASN A 95 -15.50 17.82 -9.91
C ASN A 95 -14.04 17.43 -9.68
N PRO A 96 -13.56 16.33 -10.26
CA PRO A 96 -12.18 15.90 -10.00
C PRO A 96 -11.14 16.97 -10.26
N ALA A 97 -11.41 17.89 -11.19
CA ALA A 97 -10.47 18.98 -11.46
C ALA A 97 -10.12 19.75 -10.20
N ASP A 98 -11.03 19.82 -9.23
CA ASP A 98 -10.79 20.57 -8.01
C ASP A 98 -10.43 19.68 -6.81
N SER A 99 -10.46 18.35 -6.95
CA SER A 99 -10.16 17.46 -5.84
C SER A 99 -8.67 17.47 -5.51
N LYS A 100 -8.37 17.34 -4.19
CA LYS A 100 -7.00 17.46 -3.73
C LYS A 100 -6.35 16.08 -3.59
N PRO A 101 -5.05 15.98 -3.83
CA PRO A 101 -4.35 14.71 -3.56
C PRO A 101 -4.62 14.25 -2.13
N GLY A 102 -4.77 12.93 -1.98
CA GLY A 102 -5.18 12.34 -0.72
C GLY A 102 -6.65 12.00 -0.67
N THR A 103 -7.47 12.68 -1.47
CA THR A 103 -8.87 12.34 -1.61
C THR A 103 -9.02 11.25 -2.67
N ILE A 104 -10.15 10.55 -2.61
CA ILE A 104 -10.41 9.49 -3.58
C ILE A 104 -10.39 10.06 -5.00
N ARG A 105 -11.19 11.10 -5.25
CA ARG A 105 -11.23 11.67 -6.59
C ARG A 105 -9.90 12.33 -6.95
N GLY A 106 -9.25 12.98 -5.99
CA GLY A 106 -7.98 13.60 -6.27
C GLY A 106 -6.91 12.59 -6.66
N ASP A 107 -6.95 11.41 -6.05
CA ASP A 107 -5.95 10.39 -6.35
C ASP A 107 -6.30 9.62 -7.61
N PHE A 108 -7.59 9.48 -7.95
CA PHE A 108 -7.97 8.44 -8.89
C PHE A 108 -8.76 8.83 -10.14
N CYS A 109 -9.15 10.07 -10.35
CA CYS A 109 -9.90 10.37 -11.56
C CYS A 109 -9.73 11.84 -11.94
N ILE A 110 -10.37 12.21 -13.05
CA ILE A 110 -10.01 13.43 -13.78
C ILE A 110 -11.21 14.29 -14.15
N GLN A 111 -12.32 13.67 -14.57
CA GLN A 111 -13.40 14.38 -15.22
C GLN A 111 -14.74 14.12 -14.54
N VAL A 112 -15.58 15.16 -14.51
CA VAL A 112 -16.78 15.12 -13.68
C VAL A 112 -17.75 14.04 -14.14
N GLY A 113 -17.77 13.74 -15.44
CA GLY A 113 -18.64 12.67 -15.90
C GLY A 113 -18.14 11.28 -15.61
N ARG A 114 -16.93 11.17 -15.04
CA ARG A 114 -16.30 9.90 -14.67
C ARG A 114 -15.60 10.10 -13.33
N ASN A 115 -16.38 10.36 -12.28
CA ASN A 115 -15.85 10.71 -10.95
C ASN A 115 -16.04 9.58 -9.95
N ILE A 116 -16.21 8.36 -10.46
CA ILE A 116 -16.11 7.07 -9.81
C ILE A 116 -16.88 6.84 -8.51
N ILE A 117 -17.38 7.88 -7.86
CA ILE A 117 -18.00 7.68 -6.56
C ILE A 117 -19.01 8.78 -6.29
N HIS A 118 -20.00 8.46 -5.46
CA HIS A 118 -21.00 9.41 -4.98
C HIS A 118 -21.14 9.28 -3.47
N GLY A 119 -21.36 10.40 -2.81
CA GLY A 119 -21.68 10.39 -1.40
C GLY A 119 -22.77 11.42 -1.08
N SER A 120 -23.60 11.06 -0.10
CA SER A 120 -24.69 11.95 0.32
C SER A 120 -24.17 13.33 0.70
N ASP A 121 -24.89 14.37 0.26
CA ASP A 121 -24.44 15.74 0.51
C ASP A 121 -24.93 16.30 1.84
N SER A 122 -25.93 15.67 2.45
CA SER A 122 -26.42 16.12 3.74
C SER A 122 -27.13 14.96 4.41
N VAL A 123 -27.40 15.16 5.68
CA VAL A 123 -28.10 14.14 6.43
C VAL A 123 -29.46 13.81 5.81
N LYS A 124 -30.21 14.83 5.40
CA LYS A 124 -31.52 14.59 4.80
C LYS A 124 -31.39 13.78 3.52
N SER A 125 -30.46 14.19 2.65
CA SER A 125 -30.19 13.41 1.45
C SER A 125 -29.72 12.01 1.80
N ALA A 126 -28.93 11.88 2.87
CA ALA A 126 -28.50 10.56 3.32
C ALA A 126 -29.69 9.66 3.68
N GLU A 127 -30.62 10.17 4.51
CA GLU A 127 -31.74 9.32 4.94
C GLU A 127 -32.58 8.92 3.72
N LYS A 128 -32.80 9.85 2.78
CA LYS A 128 -33.61 9.58 1.59
C LYS A 128 -32.91 8.56 0.71
N GLU A 129 -31.61 8.70 0.51
CA GLU A 129 -30.91 7.83 -0.43
C GLU A 129 -30.76 6.43 0.15
N ILE A 130 -30.48 6.34 1.46
CA ILE A 130 -30.43 5.05 2.15
C ILE A 130 -31.76 4.34 2.04
N SER A 131 -32.87 5.05 2.24
CA SER A 131 -34.17 4.40 2.09
C SER A 131 -34.43 4.00 0.64
N LEU A 132 -33.98 4.79 -0.33
CA LEU A 132 -34.23 4.44 -1.72
C LEU A 132 -33.48 3.18 -2.12
N TRP A 133 -32.23 3.06 -1.71
CA TRP A 133 -31.41 1.96 -2.23
C TRP A 133 -31.47 0.70 -1.38
N PHE A 134 -31.77 0.83 -0.09
CA PHE A 134 -31.76 -0.31 0.82
C PHE A 134 -33.09 -0.40 1.56
N LYS A 135 -33.53 -1.62 1.81
CA LYS A 135 -34.62 -1.88 2.74
C LYS A 135 -34.04 -2.14 4.13
N PRO A 136 -34.84 -1.97 5.19
CA PRO A 136 -34.28 -2.12 6.54
C PRO A 136 -33.63 -3.46 6.82
N GLU A 137 -34.08 -4.56 6.20
CA GLU A 137 -33.47 -5.85 6.49
C GLU A 137 -32.03 -5.92 5.99
N GLU A 138 -31.65 -5.09 5.02
CA GLU A 138 -30.31 -5.07 4.45
C GLU A 138 -29.32 -4.28 5.30
N LEU A 139 -29.78 -3.66 6.37
CA LEU A 139 -28.93 -2.89 7.26
C LEU A 139 -28.44 -3.81 8.36
N VAL A 140 -27.13 -3.94 8.50
CA VAL A 140 -26.53 -4.92 9.39
C VAL A 140 -25.92 -4.18 10.58
N ASP A 141 -26.26 -4.63 11.79
CA ASP A 141 -25.81 -4.01 13.03
C ASP A 141 -24.87 -4.90 13.81
N TYR A 142 -23.80 -4.29 14.31
CA TYR A 142 -22.80 -4.93 15.15
C TYR A 142 -21.97 -3.80 15.75
N LYS A 143 -21.20 -4.13 16.79
CA LYS A 143 -20.33 -3.17 17.44
C LYS A 143 -18.89 -3.45 17.05
N SER A 144 -18.22 -2.44 16.50
CA SER A 144 -16.81 -2.56 16.15
CA SER A 144 -16.82 -2.58 16.15
C SER A 144 -15.99 -2.87 17.39
N CYS A 145 -15.11 -3.87 17.28
CA CYS A 145 -14.24 -4.20 18.40
C CYS A 145 -13.40 -3.00 18.83
N ALA A 146 -13.14 -2.08 17.90
CA ALA A 146 -12.33 -0.90 18.18
C ALA A 146 -13.16 0.33 18.56
N HIS A 147 -14.46 0.17 18.78
CA HIS A 147 -15.32 1.32 19.05
C HIS A 147 -14.75 2.22 20.15
N ASP A 148 -14.36 1.62 21.27
CA ASP A 148 -13.90 2.41 22.42
C ASP A 148 -12.58 3.11 22.16
N TRP A 149 -11.84 2.74 21.11
CA TRP A 149 -10.62 3.43 20.73
C TRP A 149 -10.85 4.44 19.62
N VAL A 150 -11.98 4.36 18.92
CA VAL A 150 -12.34 5.35 17.93
C VAL A 150 -13.17 6.49 18.53
N TYR A 151 -14.00 6.20 19.52
CA TYR A 151 -14.90 7.17 20.13
C TYR A 151 -14.64 7.26 21.62
N GLU A 152 -14.70 8.48 22.16
CA GLU A 152 -14.54 8.68 23.59
C GLU A 152 -15.87 8.40 24.29
N MET B 1 23.03 23.89 13.45
CA MET B 1 22.43 23.76 12.12
C MET B 1 20.93 23.53 12.28
N ALA B 2 20.14 23.98 11.30
CA ALA B 2 18.68 23.83 11.34
C ALA B 2 18.26 22.38 11.09
N ASN B 3 19.11 21.60 10.41
CA ASN B 3 18.80 20.21 10.12
C ASN B 3 18.85 19.31 11.35
N LEU B 4 19.27 19.80 12.52
CA LEU B 4 19.38 19.03 13.76
C LEU B 4 18.18 19.21 14.69
N GLU B 5 17.17 19.96 14.26
CA GLU B 5 15.98 20.17 15.08
C GLU B 5 15.34 18.83 15.38
N ARG B 6 14.81 18.71 16.59
CA ARG B 6 14.21 17.49 17.07
C ARG B 6 12.79 17.76 17.56
N THR B 7 11.92 16.76 17.40
CA THR B 7 10.57 16.84 17.93
C THR B 7 10.19 15.53 18.61
N PHE B 8 9.21 15.63 19.49
CA PHE B 8 8.67 14.48 20.22
C PHE B 8 7.34 14.09 19.59
N ILE B 9 7.25 12.83 19.16
CA ILE B 9 6.04 12.26 18.62
C ILE B 9 5.63 11.12 19.53
N ALA B 10 4.36 11.06 19.88
CA ALA B 10 3.85 9.96 20.69
C ALA B 10 2.63 9.36 20.01
N ILE B 11 2.67 8.05 19.76
CA ILE B 11 1.49 7.33 19.30
C ILE B 11 0.69 6.95 20.53
N LYS B 12 -0.55 7.44 20.59
CA LYS B 12 -1.41 7.31 21.76
C LYS B 12 -2.01 5.91 21.82
N PRO B 13 -2.61 5.55 22.96
CA PRO B 13 -3.09 4.16 23.11
C PRO B 13 -4.05 3.71 22.02
N ASP B 14 -4.87 4.60 21.45
CA ASP B 14 -5.75 4.17 20.36
C ASP B 14 -4.95 3.88 19.10
N GLY B 15 -3.83 4.58 18.88
CA GLY B 15 -2.98 4.24 17.76
C GLY B 15 -2.38 2.85 17.86
N VAL B 16 -1.96 2.47 19.06
CA VAL B 16 -1.46 1.12 19.27
C VAL B 16 -2.60 0.10 19.10
N GLN B 17 -3.73 0.35 19.75
CA GLN B 17 -4.81 -0.62 19.77
C GLN B 17 -5.36 -0.89 18.39
N ARG B 18 -5.37 0.11 17.51
CA ARG B 18 -5.91 -0.05 16.16
C ARG B 18 -4.83 -0.42 15.14
N GLY B 19 -3.64 -0.77 15.58
CA GLY B 19 -2.62 -1.31 14.71
C GLY B 19 -2.00 -0.34 13.74
N LEU B 20 -1.75 0.90 14.16
CA LEU B 20 -1.27 1.95 13.28
C LEU B 20 0.19 2.35 13.50
N VAL B 21 0.94 1.64 14.36
CA VAL B 21 2.31 2.04 14.67
C VAL B 21 3.17 2.04 13.41
N GLY B 22 3.12 0.95 12.63
CA GLY B 22 3.95 0.86 11.45
C GLY B 22 3.63 1.92 10.42
N GLU B 23 2.33 2.10 10.12
CA GLU B 23 1.91 3.12 9.16
C GLU B 23 2.49 4.49 9.51
N ILE B 24 2.40 4.87 10.78
CA ILE B 24 2.85 6.20 11.21
C ILE B 24 4.36 6.31 11.06
N ILE B 25 5.09 5.32 11.60
CA ILE B 25 6.55 5.36 11.49
C ILE B 25 6.97 5.42 10.03
N LYS B 26 6.27 4.71 9.16
CA LYS B 26 6.59 4.73 7.74
C LYS B 26 6.44 6.14 7.17
N ARG B 27 5.39 6.85 7.57
CA ARG B 27 5.20 8.19 7.04
C ARG B 27 6.36 9.10 7.42
N PHE B 28 6.83 8.99 8.66
CA PHE B 28 7.97 9.82 9.06
C PHE B 28 9.26 9.37 8.37
N GLU B 29 9.51 8.06 8.28
CA GLU B 29 10.73 7.60 7.61
C GLU B 29 10.78 8.09 6.17
N GLN B 30 9.67 7.92 5.44
CA GLN B 30 9.66 8.20 4.02
C GLN B 30 9.66 9.69 3.74
N LYS B 31 9.23 10.53 4.69
CA LYS B 31 9.41 11.97 4.51
C LYS B 31 10.89 12.36 4.49
N GLY B 32 11.74 11.61 5.17
CA GLY B 32 13.16 11.91 5.24
C GLY B 32 13.69 12.23 6.62
N PHE B 33 12.86 12.24 7.65
CA PHE B 33 13.30 12.51 9.00
C PHE B 33 13.98 11.28 9.58
N ARG B 34 14.85 11.52 10.56
CA ARG B 34 15.65 10.47 11.18
C ARG B 34 15.09 10.14 12.56
N LEU B 35 14.88 8.86 12.80
CA LEU B 35 14.47 8.41 14.13
C LEU B 35 15.64 8.56 15.09
N VAL B 36 15.43 9.30 16.18
CA VAL B 36 16.46 9.50 17.18
C VAL B 36 16.23 8.61 18.39
N ALA B 37 14.98 8.46 18.80
CA ALA B 37 14.71 7.67 19.99
C ALA B 37 13.32 7.07 19.91
N MET B 38 13.13 5.94 20.58
CA MET B 38 11.82 5.29 20.57
C MET B 38 11.74 4.28 21.69
N LYS B 39 10.60 4.30 22.40
CA LYS B 39 10.31 3.26 23.38
C LYS B 39 8.80 3.09 23.53
N PHE B 40 8.44 1.99 24.17
CA PHE B 40 7.07 1.50 24.26
C PHE B 40 6.76 1.36 25.75
N LEU B 41 5.72 2.05 26.22
CA LEU B 41 5.50 2.01 27.66
C LEU B 41 4.08 2.42 28.00
N ARG B 42 3.65 2.02 29.21
CA ARG B 42 2.45 2.59 29.82
C ARG B 42 2.87 3.76 30.71
N ALA B 43 2.58 4.99 30.27
CA ALA B 43 2.92 6.18 31.03
C ALA B 43 2.04 6.33 32.27
N SER B 44 2.65 6.61 33.41
CA SER B 44 1.92 6.80 34.65
C SER B 44 1.11 8.10 34.62
N GLU B 45 0.10 8.15 35.49
CA GLU B 45 -0.74 9.35 35.57
C GLU B 45 0.07 10.60 35.90
N GLU B 46 0.98 10.51 36.88
CA GLU B 46 1.78 11.69 37.22
C GLU B 46 2.62 12.16 36.03
N HIS B 47 3.22 11.21 35.31
CA HIS B 47 3.96 11.54 34.10
C HIS B 47 3.08 12.28 33.09
N LEU B 48 1.85 11.79 32.89
CA LEU B 48 0.95 12.41 31.92
C LEU B 48 0.48 13.78 32.37
N LYS B 49 0.30 13.97 33.69
CA LYS B 49 -0.04 15.28 34.20
C LYS B 49 1.10 16.28 33.97
N GLN B 50 2.35 15.84 34.15
CA GLN B 50 3.46 16.74 33.84
C GLN B 50 3.52 17.05 32.34
N HIS B 51 3.22 16.05 31.49
CA HIS B 51 3.26 16.30 30.06
C HIS B 51 2.17 17.27 29.63
N TYR B 52 0.95 17.13 30.18
CA TYR B 52 -0.18 17.98 29.81
C TYR B 52 -0.44 19.10 30.82
N ILE B 53 0.58 19.53 31.56
CA ILE B 53 0.37 20.47 32.66
C ILE B 53 -0.29 21.76 32.16
N ASP B 54 0.06 22.20 30.95
CA ASP B 54 -0.53 23.42 30.43
C ASP B 54 -2.05 23.32 30.30
N LEU B 55 -2.63 22.12 30.29
CA LEU B 55 -4.06 21.98 30.11
C LEU B 55 -4.80 21.58 31.39
N LYS B 56 -4.15 21.63 32.57
CA LYS B 56 -4.78 21.12 33.79
C LYS B 56 -6.05 21.89 34.15
N ASP B 57 -6.17 23.14 33.68
CA ASP B 57 -7.34 23.95 33.96
C ASP B 57 -8.40 23.83 32.86
N ARG B 58 -8.31 22.82 32.02
CA ARG B 58 -9.26 22.57 30.95
C ARG B 58 -10.22 21.47 31.36
N PRO B 59 -11.45 21.52 30.84
CA PRO B 59 -12.47 20.57 31.33
C PRO B 59 -12.17 19.13 30.99
N PHE B 60 -11.52 18.86 29.85
CA PHE B 60 -11.29 17.49 29.41
C PHE B 60 -10.02 16.88 29.99
N PHE B 61 -9.23 17.65 30.73
CA PHE B 61 -7.94 17.14 31.23
C PHE B 61 -8.11 15.86 32.00
N PRO B 62 -9.07 15.70 32.91
CA PRO B 62 -9.20 14.43 33.64
C PRO B 62 -9.43 13.27 32.71
N GLY B 63 -10.26 13.45 31.67
CA GLY B 63 -10.43 12.40 30.69
C GLY B 63 -9.16 12.13 29.92
N LEU B 64 -8.51 13.20 29.44
CA LEU B 64 -7.29 13.03 28.66
C LEU B 64 -6.31 12.13 29.41
N VAL B 65 -5.98 12.53 30.64
CA VAL B 65 -5.00 11.80 31.42
C VAL B 65 -5.43 10.35 31.60
N LYS B 66 -6.72 10.12 31.80
CA LYS B 66 -7.17 8.75 32.06
C LYS B 66 -6.91 7.87 30.84
N TYR B 67 -7.20 8.39 29.64
CA TYR B 67 -7.12 7.64 28.41
C TYR B 67 -5.68 7.44 27.97
N MET B 68 -4.84 8.47 28.14
CA MET B 68 -3.43 8.31 27.85
C MET B 68 -2.76 7.28 28.74
N ASN B 69 -3.39 6.93 29.86
CA ASN B 69 -2.92 5.88 30.76
C ASN B 69 -3.62 4.55 30.55
N SER B 70 -4.68 4.51 29.73
CA SER B 70 -5.48 3.30 29.59
C SER B 70 -4.81 2.24 28.72
N GLY B 71 -3.70 2.56 28.05
CA GLY B 71 -2.94 1.59 27.30
C GLY B 71 -1.54 2.11 27.04
N PRO B 72 -0.69 1.28 26.43
CA PRO B 72 0.68 1.72 26.15
C PRO B 72 0.73 2.70 24.98
N VAL B 73 1.78 3.52 25.01
CA VAL B 73 2.06 4.48 23.95
C VAL B 73 3.44 4.16 23.39
N VAL B 74 3.68 4.68 22.19
CA VAL B 74 5.00 4.65 21.58
C VAL B 74 5.53 6.08 21.61
N ALA B 75 6.59 6.32 22.40
CA ALA B 75 7.21 7.63 22.48
C ALA B 75 8.44 7.65 21.58
N MET B 76 8.60 8.72 20.81
CA MET B 76 9.63 8.78 19.81
C MET B 76 10.19 10.20 19.74
N VAL B 77 11.46 10.30 19.37
CA VAL B 77 12.09 11.56 18.98
C VAL B 77 12.54 11.42 17.55
N TRP B 78 12.18 12.41 16.71
CA TRP B 78 12.57 12.49 15.31
C TRP B 78 13.36 13.78 15.04
N GLU B 79 14.26 13.72 14.08
CA GLU B 79 15.16 14.82 13.77
C GLU B 79 15.06 15.23 12.32
N GLY B 80 15.12 16.52 12.05
CA GLY B 80 15.19 17.01 10.69
C GLY B 80 14.84 18.47 10.61
N LEU B 81 14.99 19.01 9.41
CA LEU B 81 14.69 20.42 9.16
C LEU B 81 13.23 20.69 9.44
N ASN B 82 12.97 21.67 10.32
CA ASN B 82 11.62 22.09 10.65
CA ASN B 82 11.62 22.10 10.68
C ASN B 82 10.73 20.91 11.05
N VAL B 83 11.32 19.89 11.69
CA VAL B 83 10.56 18.69 11.98
C VAL B 83 9.37 18.99 12.89
N VAL B 84 9.46 20.01 13.73
CA VAL B 84 8.34 20.33 14.61
C VAL B 84 7.12 20.75 13.79
N LYS B 85 7.26 21.85 13.04
CA LYS B 85 6.15 22.34 12.22
C LYS B 85 5.74 21.30 11.18
N THR B 86 6.71 20.68 10.51
CA THR B 86 6.39 19.75 9.44
C THR B 86 5.69 18.50 9.97
N GLY B 87 6.15 17.99 11.12
CA GLY B 87 5.46 16.89 11.75
C GLY B 87 4.04 17.26 12.13
N ARG B 88 3.83 18.49 12.58
CA ARG B 88 2.47 18.91 12.89
C ARG B 88 1.62 18.91 11.63
N VAL B 89 2.18 19.38 10.51
CA VAL B 89 1.47 19.31 9.24
C VAL B 89 1.11 17.87 8.90
N MET B 90 2.05 16.95 9.11
CA MET B 90 1.83 15.56 8.76
C MET B 90 0.77 14.91 9.65
N LEU B 91 0.69 15.30 10.91
CA LEU B 91 -0.32 14.75 11.79
C LEU B 91 -1.72 15.16 11.36
N GLY B 92 -1.84 16.37 10.81
CA GLY B 92 -3.15 16.95 10.57
C GLY B 92 -3.62 17.80 11.74
N GLU B 93 -4.77 18.42 11.55
CA GLU B 93 -5.32 19.28 12.59
C GLU B 93 -5.58 18.46 13.85
N THR B 94 -5.39 19.10 15.00
CA THR B 94 -5.55 18.40 16.27
C THR B 94 -6.95 17.79 16.38
N ASN B 95 -7.96 18.47 15.83
CA ASN B 95 -9.31 17.93 15.79
C ASN B 95 -9.45 17.13 14.51
N PRO B 96 -9.57 15.80 14.56
CA PRO B 96 -9.64 15.03 13.31
C PRO B 96 -10.73 15.52 12.37
N ALA B 97 -11.81 16.11 12.91
CA ALA B 97 -12.87 16.66 12.08
C ALA B 97 -12.31 17.68 11.08
N ASP B 98 -11.24 18.38 11.44
CA ASP B 98 -10.66 19.41 10.58
C ASP B 98 -9.44 18.93 9.79
N SER B 99 -8.95 17.72 10.06
CA SER B 99 -7.77 17.20 9.38
C SER B 99 -8.09 16.79 7.95
N LYS B 100 -7.14 17.00 7.07
CA LYS B 100 -7.44 16.76 5.66
C LYS B 100 -6.99 15.36 5.26
N PRO B 101 -7.67 14.74 4.29
CA PRO B 101 -7.18 13.47 3.75
C PRO B 101 -5.71 13.60 3.36
N GLY B 102 -4.95 12.54 3.60
CA GLY B 102 -3.52 12.56 3.42
C GLY B 102 -2.72 12.75 4.69
N THR B 103 -3.32 13.36 5.71
CA THR B 103 -2.67 13.46 7.02
C THR B 103 -3.00 12.21 7.82
N ILE B 104 -2.18 11.97 8.85
CA ILE B 104 -2.38 10.81 9.72
C ILE B 104 -3.79 10.85 10.31
N ARG B 105 -4.13 11.96 10.97
CA ARG B 105 -5.45 12.08 11.58
C ARG B 105 -6.54 12.09 10.52
N GLY B 106 -6.31 12.79 9.42
CA GLY B 106 -7.33 12.85 8.38
C GLY B 106 -7.64 11.49 7.81
N ASP B 107 -6.64 10.62 7.72
CA ASP B 107 -6.85 9.30 7.17
C ASP B 107 -7.37 8.30 8.19
N PHE B 108 -7.03 8.45 9.48
CA PHE B 108 -7.18 7.31 10.38
C PHE B 108 -8.06 7.50 11.63
N CYS B 109 -8.63 8.68 11.89
CA CYS B 109 -9.45 8.78 13.10
C CYS B 109 -10.49 9.88 12.95
N ILE B 110 -11.28 10.07 14.01
CA ILE B 110 -12.55 10.77 13.89
C ILE B 110 -12.79 11.83 14.97
N GLN B 111 -12.42 11.54 16.22
CA GLN B 111 -12.84 12.33 17.38
C GLN B 111 -11.63 12.78 18.18
N VAL B 112 -11.70 14.01 18.70
CA VAL B 112 -10.51 14.65 19.26
C VAL B 112 -10.00 13.89 20.48
N GLY B 113 -10.91 13.26 21.23
CA GLY B 113 -10.49 12.45 22.37
C GLY B 113 -9.89 11.12 22.00
N ARG B 114 -9.87 10.79 20.71
CA ARG B 114 -9.25 9.57 20.20
C ARG B 114 -8.53 9.94 18.89
N ASN B 115 -7.51 10.81 18.99
CA ASN B 115 -6.83 11.33 17.80
C ASN B 115 -5.44 10.74 17.65
N ILE B 116 -5.20 9.59 18.27
CA ILE B 116 -4.13 8.62 18.05
C ILE B 116 -2.68 9.09 18.12
N ILE B 117 -2.43 10.40 18.08
CA ILE B 117 -1.05 10.83 18.01
C ILE B 117 -0.90 12.23 18.57
N HIS B 118 0.29 12.51 19.11
CA HIS B 118 0.69 13.81 19.60
C HIS B 118 2.04 14.19 19.01
N GLY B 119 2.19 15.46 18.67
CA GLY B 119 3.49 15.99 18.29
C GLY B 119 3.69 17.37 18.91
N SER B 120 4.94 17.65 19.27
CA SER B 120 5.28 18.92 19.90
C SER B 120 4.82 20.12 19.07
N ASP B 121 4.28 21.13 19.75
CA ASP B 121 3.80 22.31 19.03
C ASP B 121 4.89 23.36 18.81
N SER B 122 6.02 23.26 19.50
CA SER B 122 7.09 24.22 19.31
C SER B 122 8.43 23.61 19.68
N VAL B 123 9.50 24.30 19.27
CA VAL B 123 10.85 23.84 19.60
C VAL B 123 11.02 23.76 21.11
N LYS B 124 10.49 24.76 21.83
CA LYS B 124 10.64 24.78 23.29
C LYS B 124 9.84 23.66 23.93
N SER B 125 8.58 23.49 23.51
CA SER B 125 7.81 22.34 23.97
C SER B 125 8.51 21.05 23.59
N ALA B 126 9.09 21.00 22.40
CA ALA B 126 9.80 19.82 21.96
C ALA B 126 10.92 19.46 22.92
N GLU B 127 11.75 20.43 23.28
CA GLU B 127 12.88 20.14 24.16
C GLU B 127 12.40 19.74 25.55
N LYS B 128 11.35 20.38 26.05
CA LYS B 128 10.81 20.01 27.36
C LYS B 128 10.27 18.58 27.35
N GLU B 129 9.53 18.20 26.30
CA GLU B 129 8.94 16.87 26.25
C GLU B 129 10.02 15.81 26.04
N ILE B 130 11.00 16.09 25.17
CA ILE B 130 12.11 15.15 24.99
C ILE B 130 12.82 14.92 26.31
N SER B 131 13.09 15.99 27.06
CA SER B 131 13.74 15.83 28.35
C SER B 131 12.86 15.09 29.35
N LEU B 132 11.55 15.29 29.29
CA LEU B 132 10.65 14.63 30.22
C LEU B 132 10.58 13.13 29.98
N TRP B 133 10.47 12.72 28.71
CA TRP B 133 10.21 11.32 28.40
C TRP B 133 11.48 10.50 28.20
N PHE B 134 12.59 11.13 27.80
CA PHE B 134 13.82 10.40 27.52
C PHE B 134 14.99 10.96 28.32
N LYS B 135 15.94 10.07 28.62
CA LYS B 135 17.24 10.43 29.15
C LYS B 135 18.28 10.46 28.03
N PRO B 136 19.39 11.17 28.25
CA PRO B 136 20.39 11.27 27.19
C PRO B 136 20.95 9.93 26.73
N GLU B 137 21.00 8.91 27.60
CA GLU B 137 21.50 7.62 27.14
C GLU B 137 20.56 6.98 26.10
N GLU B 138 19.30 7.39 26.05
CA GLU B 138 18.32 6.82 25.12
C GLU B 138 18.34 7.46 23.74
N LEU B 139 19.11 8.51 23.51
CA LEU B 139 19.17 9.15 22.20
C LEU B 139 20.27 8.55 21.35
N VAL B 140 19.93 8.15 20.13
CA VAL B 140 20.80 7.43 19.23
C VAL B 140 21.22 8.35 18.09
N ASP B 141 22.53 8.44 17.87
CA ASP B 141 23.10 9.30 16.83
C ASP B 141 23.67 8.45 15.72
N TYR B 142 23.35 8.81 14.47
CA TYR B 142 23.86 8.18 13.27
C TYR B 142 23.50 9.10 12.11
N LYS B 143 24.14 8.88 10.98
CA LYS B 143 23.88 9.65 9.77
C LYS B 143 23.14 8.78 8.76
N SER B 144 22.00 9.26 8.30
CA SER B 144 21.21 8.52 7.31
CA SER B 144 21.23 8.50 7.32
C SER B 144 21.99 8.40 6.01
N CYS B 145 21.99 7.21 5.41
CA CYS B 145 22.72 7.02 4.16
C CYS B 145 22.25 7.97 3.08
N ALA B 146 20.99 8.40 3.16
CA ALA B 146 20.40 9.28 2.15
C ALA B 146 20.49 10.75 2.51
N HIS B 147 21.26 11.09 3.54
CA HIS B 147 21.31 12.48 3.99
C HIS B 147 21.60 13.45 2.84
N ASP B 148 22.61 13.15 2.02
CA ASP B 148 23.02 14.09 0.99
C ASP B 148 21.98 14.25 -0.09
N TRP B 149 21.01 13.32 -0.16
CA TRP B 149 19.91 13.36 -1.11
C TRP B 149 18.64 13.96 -0.52
N VAL B 150 18.57 14.08 0.81
CA VAL B 150 17.46 14.77 1.45
C VAL B 150 17.79 16.26 1.65
N TYR B 151 19.05 16.58 1.93
CA TYR B 151 19.46 17.94 2.26
C TYR B 151 20.52 18.42 1.27
N GLU B 152 20.46 19.71 0.95
CA GLU B 152 21.41 20.33 0.03
C GLU B 152 22.73 20.61 0.75
N MET C 1 32.98 -8.91 -10.78
CA MET C 1 32.37 -8.96 -9.45
C MET C 1 30.93 -9.49 -9.53
N ALA C 2 30.49 -10.28 -8.53
CA ALA C 2 29.17 -10.87 -8.60
C ALA C 2 28.06 -9.83 -8.44
N ASN C 3 28.31 -8.69 -7.82
CA ASN C 3 27.28 -7.68 -7.55
C ASN C 3 27.00 -6.82 -8.76
N LEU C 4 27.77 -6.93 -9.82
CA LEU C 4 27.57 -6.14 -11.04
C LEU C 4 26.81 -6.94 -12.09
N GLU C 5 26.34 -8.14 -11.74
CA GLU C 5 25.48 -8.92 -12.63
C GLU C 5 24.27 -8.09 -13.01
N ARG C 6 23.82 -8.24 -14.25
CA ARG C 6 22.68 -7.52 -14.79
C ARG C 6 21.69 -8.46 -15.45
N THR C 7 20.44 -8.05 -15.41
CA THR C 7 19.37 -8.72 -16.09
C THR C 7 18.51 -7.72 -16.86
N PHE C 8 17.79 -8.26 -17.84
CA PHE C 8 16.84 -7.54 -18.66
C PHE C 8 15.44 -7.88 -18.18
N ILE C 9 14.68 -6.85 -17.80
CA ILE C 9 13.28 -7.00 -17.42
C ILE C 9 12.44 -6.19 -18.41
N ALA C 10 11.38 -6.79 -18.93
CA ALA C 10 10.48 -6.09 -19.84
C ALA C 10 9.05 -6.22 -19.31
N ILE C 11 8.39 -5.08 -19.11
CA ILE C 11 6.97 -5.06 -18.81
C ILE C 11 6.23 -5.09 -20.13
N LYS C 12 5.41 -6.13 -20.31
CA LYS C 12 4.72 -6.41 -21.56
C LYS C 12 3.50 -5.53 -21.71
N PRO C 13 2.91 -5.49 -22.90
CA PRO C 13 1.81 -4.53 -23.11
C PRO C 13 0.67 -4.66 -22.12
N ASP C 14 0.37 -5.87 -21.62
CA ASP C 14 -0.71 -5.99 -20.65
C ASP C 14 -0.33 -5.39 -19.30
N GLY C 15 0.95 -5.44 -18.94
CA GLY C 15 1.40 -4.77 -17.73
C GLY C 15 1.23 -3.27 -17.81
N VAL C 16 1.56 -2.68 -18.96
CA VAL C 16 1.36 -1.26 -19.16
C VAL C 16 -0.13 -0.94 -19.14
N GLN C 17 -0.93 -1.71 -19.89
CA GLN C 17 -2.34 -1.41 -20.07
C GLN C 17 -3.11 -1.48 -18.75
N ARG C 18 -2.71 -2.38 -17.85
CA ARG C 18 -3.41 -2.56 -16.59
C ARG C 18 -2.79 -1.74 -15.45
N GLY C 19 -1.91 -0.79 -15.78
CA GLY C 19 -1.40 0.16 -14.82
C GLY C 19 -0.47 -0.38 -13.76
N LEU C 20 0.40 -1.32 -14.12
CA LEU C 20 1.26 -2.00 -13.15
C LEU C 20 2.73 -1.57 -13.25
N VAL C 21 3.05 -0.58 -14.09
CA VAL C 21 4.45 -0.20 -14.27
C VAL C 21 5.05 0.25 -12.95
N GLY C 22 4.34 1.11 -12.22
CA GLY C 22 4.86 1.62 -10.97
C GLY C 22 5.05 0.53 -9.93
N GLU C 23 4.03 -0.32 -9.74
CA GLU C 23 4.13 -1.42 -8.78
C GLU C 23 5.36 -2.28 -9.04
N ILE C 24 5.59 -2.65 -10.30
CA ILE C 24 6.70 -3.54 -10.62
C ILE C 24 8.04 -2.86 -10.35
N ILE C 25 8.20 -1.63 -10.86
CA ILE C 25 9.46 -0.93 -10.61
C ILE C 25 9.71 -0.81 -9.11
N LYS C 26 8.65 -0.53 -8.34
CA LYS C 26 8.79 -0.39 -6.90
C LYS C 26 9.31 -1.68 -6.27
N ARG C 27 8.81 -2.83 -6.73
CA ARG C 27 9.29 -4.07 -6.15
C ARG C 27 10.79 -4.26 -6.40
N PHE C 28 11.24 -3.93 -7.61
CA PHE C 28 12.68 -4.08 -7.87
C PHE C 28 13.49 -3.08 -7.06
N GLU C 29 13.03 -1.83 -6.94
CA GLU C 29 13.75 -0.84 -6.15
C GLU C 29 13.85 -1.27 -4.69
N GLN C 30 12.75 -1.73 -4.11
CA GLN C 30 12.73 -2.02 -2.68
C GLN C 30 13.48 -3.31 -2.37
N LYS C 31 13.66 -4.18 -3.35
CA LYS C 31 14.52 -5.35 -3.12
C LYS C 31 15.98 -4.94 -2.92
N GLY C 32 16.40 -3.84 -3.53
CA GLY C 32 17.79 -3.38 -3.44
C GLY C 32 18.53 -3.33 -4.77
N PHE C 33 17.93 -3.73 -5.89
CA PHE C 33 18.62 -3.69 -7.17
C PHE C 33 18.66 -2.27 -7.71
N ARG C 34 19.64 -2.03 -8.57
CA ARG C 34 19.87 -0.70 -9.13
C ARG C 34 19.35 -0.65 -10.56
N LEU C 35 18.52 0.35 -10.84
CA LEU C 35 18.06 0.56 -12.20
C LEU C 35 19.25 1.03 -13.03
N VAL C 36 19.56 0.30 -14.08
CA VAL C 36 20.67 0.64 -14.96
C VAL C 36 20.18 1.32 -16.23
N ALA C 37 19.07 0.84 -16.77
CA ALA C 37 18.58 1.43 -18.02
C ALA C 37 17.08 1.23 -18.14
N MET C 38 16.43 2.15 -18.86
CA MET C 38 15.00 2.03 -19.03
C MET C 38 14.53 2.88 -20.20
N LYS C 39 13.66 2.29 -21.03
CA LYS C 39 12.98 3.04 -22.07
C LYS C 39 11.63 2.42 -22.36
N PHE C 40 10.82 3.19 -23.10
CA PHE C 40 9.41 2.90 -23.34
C PHE C 40 9.19 2.90 -24.86
N LEU C 41 8.69 1.79 -25.39
CA LEU C 41 8.60 1.74 -26.85
C LEU C 41 7.64 0.65 -27.32
N ARG C 42 7.15 0.82 -28.55
CA ARG C 42 6.49 -0.27 -29.26
C ARG C 42 7.55 -1.01 -30.06
N ALA C 43 7.91 -2.20 -29.61
CA ALA C 43 8.93 -3.00 -30.27
C ALA C 43 8.41 -3.53 -31.60
N SER C 44 9.26 -3.44 -32.63
CA SER C 44 8.89 -3.96 -33.94
C SER C 44 8.85 -5.49 -33.93
N GLU C 45 8.05 -6.05 -34.84
CA GLU C 45 7.94 -7.50 -34.93
C GLU C 45 9.28 -8.15 -35.24
N GLU C 46 10.08 -7.51 -36.10
CA GLU C 46 11.43 -8.00 -36.37
C GLU C 46 12.23 -8.11 -35.07
N HIS C 47 12.29 -7.00 -34.33
CA HIS C 47 12.97 -6.98 -33.05
C HIS C 47 12.48 -8.11 -32.14
N LEU C 48 11.17 -8.32 -32.10
CA LEU C 48 10.62 -9.34 -31.20
C LEU C 48 10.93 -10.76 -31.67
N LYS C 49 10.99 -10.99 -32.98
CA LYS C 49 11.42 -12.29 -33.46
C LYS C 49 12.88 -12.55 -33.10
N GLN C 50 13.71 -11.51 -33.15
CA GLN C 50 15.09 -11.70 -32.67
C GLN C 50 15.11 -11.98 -31.18
N HIS C 51 14.28 -11.29 -30.39
CA HIS C 51 14.31 -11.50 -28.95
C HIS C 51 13.90 -12.92 -28.59
N TYR C 52 12.88 -13.45 -29.25
CA TYR C 52 12.35 -14.79 -28.97
C TYR C 52 12.84 -15.83 -29.97
N ILE C 53 14.02 -15.63 -30.55
CA ILE C 53 14.49 -16.48 -31.64
C ILE C 53 14.48 -17.95 -31.23
N ASP C 54 14.82 -18.23 -29.96
CA ASP C 54 14.86 -19.62 -29.51
C ASP C 54 13.51 -20.32 -29.58
N LEU C 55 12.41 -19.58 -29.62
CA LEU C 55 11.10 -20.21 -29.65
C LEU C 55 10.40 -20.11 -31.01
N LYS C 56 11.11 -19.74 -32.08
CA LYS C 56 10.47 -19.48 -33.38
C LYS C 56 9.71 -20.69 -33.91
N ASP C 57 10.01 -21.89 -33.45
CA ASP C 57 9.32 -23.08 -33.94
C ASP C 57 8.14 -23.47 -33.06
N ARG C 58 7.96 -22.81 -31.93
CA ARG C 58 6.87 -23.13 -31.03
C ARG C 58 5.54 -22.69 -31.64
N PRO C 59 4.47 -23.42 -31.36
CA PRO C 59 3.19 -23.12 -32.02
C PRO C 59 2.68 -21.72 -31.69
N PHE C 60 2.98 -21.21 -30.51
CA PHE C 60 2.47 -19.92 -30.06
C PHE C 60 3.31 -18.74 -30.48
N PHE C 61 4.44 -18.99 -31.13
CA PHE C 61 5.37 -17.91 -31.45
C PHE C 61 4.75 -16.79 -32.28
N PRO C 62 3.99 -17.06 -33.36
CA PRO C 62 3.41 -15.93 -34.10
C PRO C 62 2.47 -15.08 -33.26
N GLY C 63 1.64 -15.72 -32.43
CA GLY C 63 0.77 -14.98 -31.53
C GLY C 63 1.55 -14.20 -30.49
N LEU C 64 2.56 -14.84 -29.89
CA LEU C 64 3.42 -14.13 -28.95
C LEU C 64 3.98 -12.85 -29.57
N VAL C 65 4.56 -12.97 -30.77
CA VAL C 65 5.15 -11.80 -31.41
C VAL C 65 4.09 -10.74 -31.66
N LYS C 66 2.94 -11.14 -32.18
CA LYS C 66 1.89 -10.15 -32.45
C LYS C 66 1.48 -9.44 -31.16
N TYR C 67 1.22 -10.19 -30.09
CA TYR C 67 0.77 -9.58 -28.82
C TYR C 67 1.85 -8.67 -28.25
N MET C 68 3.12 -9.07 -28.33
CA MET C 68 4.20 -8.20 -27.88
C MET C 68 4.33 -6.94 -28.73
N ASN C 69 3.81 -6.94 -29.95
CA ASN C 69 3.83 -5.75 -30.79
C ASN C 69 2.56 -4.91 -30.70
N SER C 70 1.52 -5.42 -30.03
CA SER C 70 0.20 -4.81 -29.99
C SER C 70 0.11 -3.61 -29.05
N GLY C 71 1.14 -3.34 -28.27
CA GLY C 71 1.19 -2.18 -27.42
C GLY C 71 2.62 -1.90 -27.02
N PRO C 72 2.83 -0.82 -26.28
CA PRO C 72 4.19 -0.50 -25.82
C PRO C 72 4.63 -1.41 -24.69
N VAL C 73 5.95 -1.55 -24.57
CA VAL C 73 6.58 -2.27 -23.47
C VAL C 73 7.50 -1.29 -22.77
N VAL C 74 7.83 -1.63 -21.53
CA VAL C 74 8.87 -0.93 -20.79
C VAL C 74 10.07 -1.87 -20.70
N ALA C 75 11.17 -1.50 -21.33
CA ALA C 75 12.40 -2.27 -21.29
C ALA C 75 13.31 -1.68 -20.22
N MET C 76 13.93 -2.54 -19.42
CA MET C 76 14.74 -2.13 -18.30
C MET C 76 15.92 -3.07 -18.15
N VAL C 77 17.02 -2.51 -17.66
CA VAL C 77 18.17 -3.27 -17.21
C VAL C 77 18.34 -2.98 -15.73
N TRP C 78 18.43 -4.05 -14.93
CA TRP C 78 18.64 -3.97 -13.49
C TRP C 78 19.91 -4.70 -13.09
N GLU C 79 20.53 -4.23 -12.00
CA GLU C 79 21.82 -4.74 -11.54
C GLU C 79 21.80 -5.15 -10.07
N GLY C 80 22.51 -6.23 -9.76
CA GLY C 80 22.72 -6.64 -8.39
C GLY C 80 23.15 -8.09 -8.31
N LEU C 81 23.48 -8.50 -7.10
CA LEU C 81 23.88 -9.88 -6.85
C LEU C 81 22.77 -10.85 -7.21
N ASN C 82 23.10 -11.82 -8.07
CA ASN C 82 22.14 -12.85 -8.47
CA ASN C 82 22.16 -12.85 -8.51
C ASN C 82 20.84 -12.24 -8.98
N VAL C 83 20.94 -11.13 -9.70
CA VAL C 83 19.73 -10.44 -10.13
C VAL C 83 18.97 -11.24 -11.18
N VAL C 84 19.65 -12.06 -11.98
CA VAL C 84 18.93 -12.86 -12.97
C VAL C 84 18.02 -13.88 -12.27
N LYS C 85 18.62 -14.77 -11.48
CA LYS C 85 17.86 -15.79 -10.77
C LYS C 85 16.83 -15.15 -9.84
N THR C 86 17.27 -14.16 -9.04
CA THR C 86 16.38 -13.56 -8.06
C THR C 86 15.24 -12.79 -8.74
N GLY C 87 15.54 -12.08 -9.83
CA GLY C 87 14.48 -11.42 -10.56
C GLY C 87 13.46 -12.42 -11.05
N ARG C 88 13.91 -13.60 -11.48
CA ARG C 88 12.97 -14.62 -11.91
C ARG C 88 12.11 -15.10 -10.75
N VAL C 89 12.70 -15.26 -9.57
CA VAL C 89 11.91 -15.61 -8.39
C VAL C 89 10.85 -14.53 -8.13
N MET C 90 11.22 -13.26 -8.25
CA MET C 90 10.28 -12.17 -7.98
C MET C 90 9.16 -12.14 -9.01
N LEU C 91 9.46 -12.48 -10.26
CA LEU C 91 8.42 -12.50 -11.28
C LEU C 91 7.39 -13.59 -10.99
N GLY C 92 7.83 -14.71 -10.40
CA GLY C 92 7.01 -15.90 -10.28
C GLY C 92 7.20 -16.82 -11.47
N GLU C 93 6.54 -17.98 -11.41
CA GLU C 93 6.66 -18.93 -12.50
C GLU C 93 6.14 -18.31 -13.80
N THR C 94 6.77 -18.66 -14.91
CA THR C 94 6.40 -18.11 -16.21
C THR C 94 4.92 -18.35 -16.52
N ASN C 95 4.40 -19.50 -16.08
CA ASN C 95 2.97 -19.77 -16.22
C ASN C 95 2.27 -19.21 -15.00
N PRO C 96 1.47 -18.14 -15.11
CA PRO C 96 0.85 -17.55 -13.91
C PRO C 96 0.09 -18.56 -13.08
N ALA C 97 -0.46 -19.60 -13.71
CA ALA C 97 -1.18 -20.64 -12.98
C ALA C 97 -0.36 -21.24 -11.85
N ASP C 98 0.96 -21.32 -12.02
CA ASP C 98 1.85 -21.90 -11.03
C ASP C 98 2.56 -20.85 -10.17
N SER C 99 2.36 -19.55 -10.46
CA SER C 99 2.98 -18.47 -9.69
C SER C 99 2.30 -18.35 -8.30
N LYS C 100 3.08 -18.04 -7.37
CA LYS C 100 2.69 -17.95 -5.97
C LYS C 100 2.26 -16.54 -5.59
N PRO C 101 1.31 -16.46 -4.68
CA PRO C 101 1.01 -15.16 -4.07
C PRO C 101 2.29 -14.56 -3.54
N GLY C 102 2.44 -13.25 -3.68
CA GLY C 102 3.66 -12.55 -3.33
C GLY C 102 4.57 -12.26 -4.49
N THR C 103 4.50 -13.05 -5.56
CA THR C 103 5.24 -12.76 -6.78
C THR C 103 4.41 -11.84 -7.65
N ILE C 104 5.09 -11.18 -8.59
CA ILE C 104 4.41 -10.26 -9.51
C ILE C 104 3.29 -10.99 -10.25
N ARG C 105 3.64 -12.10 -10.93
CA ARG C 105 2.63 -12.83 -11.68
C ARG C 105 1.58 -13.43 -10.77
N GLY C 106 1.99 -13.97 -9.62
CA GLY C 106 1.02 -14.57 -8.73
C GLY C 106 0.00 -13.57 -8.24
N ASP C 107 0.42 -12.32 -8.02
CA ASP C 107 -0.49 -11.30 -7.54
C ASP C 107 -1.33 -10.70 -8.66
N PHE C 108 -0.81 -10.62 -9.88
CA PHE C 108 -1.39 -9.71 -10.85
C PHE C 108 -1.87 -10.31 -12.17
N CYS C 109 -1.75 -11.61 -12.43
CA CYS C 109 -2.27 -12.11 -13.70
C CYS C 109 -2.62 -13.59 -13.62
N ILE C 110 -3.11 -14.11 -14.74
CA ILE C 110 -3.87 -15.36 -14.73
C ILE C 110 -3.42 -16.35 -15.79
N GLN C 111 -3.12 -15.87 -17.00
CA GLN C 111 -2.96 -16.73 -18.16
C GLN C 111 -1.61 -16.50 -18.83
N VAL C 112 -1.01 -17.59 -19.31
CA VAL C 112 0.38 -17.52 -19.73
C VAL C 112 0.57 -16.57 -20.89
N GLY C 113 -0.44 -16.43 -21.76
CA GLY C 113 -0.35 -15.50 -22.87
C GLY C 113 -0.52 -14.04 -22.48
N ARG C 114 -0.83 -13.77 -21.21
CA ARG C 114 -0.96 -12.43 -20.67
C ARG C 114 -0.28 -12.44 -19.29
N ASN C 115 1.04 -12.65 -19.28
CA ASN C 115 1.80 -12.80 -18.04
C ASN C 115 2.64 -11.57 -17.74
N ILE C 116 2.26 -10.45 -18.34
CA ILE C 116 2.65 -9.08 -18.03
C ILE C 116 4.14 -8.73 -17.94
N ILE C 117 5.02 -9.72 -17.87
CA ILE C 117 6.42 -9.38 -17.65
C ILE C 117 7.30 -10.50 -18.19
N HIS C 118 8.52 -10.13 -18.56
CA HIS C 118 9.58 -11.03 -18.97
C HIS C 118 10.86 -10.69 -18.22
N GLY C 119 11.60 -11.71 -17.83
CA GLY C 119 12.94 -11.50 -17.29
C GLY C 119 13.92 -12.53 -17.84
N SER C 120 15.15 -12.09 -18.04
CA SER C 120 16.19 -12.97 -18.57
C SER C 120 16.26 -14.26 -17.75
N ASP C 121 16.40 -15.39 -18.43
CA ASP C 121 16.46 -16.68 -17.74
C ASP C 121 17.88 -17.08 -17.34
N SER C 122 18.91 -16.42 -17.86
CA SER C 122 20.28 -16.75 -17.47
C SER C 122 21.18 -15.55 -17.75
N VAL C 123 22.40 -15.62 -17.20
CA VAL C 123 23.38 -14.56 -17.45
C VAL C 123 23.67 -14.44 -18.95
N LYS C 124 23.93 -15.54 -19.62
CA LYS C 124 24.11 -15.51 -21.06
C LYS C 124 22.97 -14.75 -21.76
N SER C 125 21.78 -15.31 -21.65
CA SER C 125 20.59 -14.74 -22.26
C SER C 125 20.42 -13.30 -21.83
N ALA C 126 20.75 -12.99 -20.58
CA ALA C 126 20.63 -11.62 -20.11
C ALA C 126 21.51 -10.68 -20.92
N GLU C 127 22.80 -11.02 -21.08
CA GLU C 127 23.67 -10.12 -21.82
C GLU C 127 23.31 -10.01 -23.30
N LYS C 128 22.83 -11.09 -23.95
CA LYS C 128 22.40 -10.94 -25.34
C LYS C 128 21.11 -10.11 -25.45
N GLU C 129 20.18 -10.22 -24.50
CA GLU C 129 18.97 -9.38 -24.52
C GLU C 129 19.34 -7.92 -24.25
N ILE C 130 20.26 -7.66 -23.31
CA ILE C 130 20.71 -6.30 -23.08
C ILE C 130 21.32 -5.71 -24.34
N SER C 131 22.17 -6.48 -25.03
CA SER C 131 22.75 -5.95 -26.25
C SER C 131 21.70 -5.71 -27.33
N LEU C 132 20.67 -6.56 -27.39
CA LEU C 132 19.65 -6.38 -28.41
C LEU C 132 18.81 -5.13 -28.18
N TRP C 133 18.44 -4.86 -26.93
CA TRP C 133 17.47 -3.79 -26.68
C TRP C 133 18.12 -2.45 -26.38
N PHE C 134 19.35 -2.42 -25.86
CA PHE C 134 19.98 -1.17 -25.44
C PHE C 134 21.34 -0.97 -26.09
N LYS C 135 21.65 0.30 -26.41
CA LYS C 135 22.99 0.71 -26.78
C LYS C 135 23.82 0.99 -25.52
N PRO C 136 25.13 0.73 -25.55
CA PRO C 136 25.92 0.92 -24.33
C PRO C 136 25.86 2.33 -23.76
N GLU C 137 25.71 3.36 -24.60
CA GLU C 137 25.56 4.72 -24.09
C GLU C 137 24.27 4.91 -23.33
N GLU C 138 23.27 4.04 -23.55
CA GLU C 138 22.00 4.14 -22.83
C GLU C 138 22.06 3.51 -21.45
N LEU C 139 23.16 2.85 -21.10
CA LEU C 139 23.31 2.22 -19.80
C LEU C 139 23.91 3.24 -18.84
N VAL C 140 23.25 3.46 -17.70
CA VAL C 140 23.62 4.54 -16.79
C VAL C 140 24.31 3.94 -15.57
N ASP C 141 25.48 4.48 -15.25
CA ASP C 141 26.27 4.01 -14.11
C ASP C 141 26.26 5.09 -13.04
N TYR C 142 26.02 4.67 -11.79
CA TYR C 142 26.03 5.53 -10.62
C TYR C 142 26.05 4.59 -9.43
N LYS C 143 26.39 5.13 -8.27
CA LYS C 143 26.44 4.33 -7.05
C LYS C 143 25.25 4.70 -6.17
N SER C 144 24.57 3.68 -5.67
CA SER C 144 23.42 3.90 -4.79
CA SER C 144 23.42 3.91 -4.79
C SER C 144 23.89 4.35 -3.42
N CYS C 145 23.19 5.34 -2.85
CA CYS C 145 23.55 5.82 -1.52
C CYS C 145 23.41 4.69 -0.49
N ALA C 146 22.56 3.71 -0.75
CA ALA C 146 22.35 2.62 0.18
C ALA C 146 23.22 1.42 -0.12
N HIS C 147 24.17 1.54 -1.06
CA HIS C 147 24.97 0.39 -1.46
C HIS C 147 25.60 -0.31 -0.26
N ASP C 148 26.20 0.46 0.65
CA ASP C 148 26.90 -0.18 1.76
C ASP C 148 25.93 -0.88 2.71
N TRP C 149 24.64 -0.57 2.65
CA TRP C 149 23.64 -1.22 3.49
C TRP C 149 22.93 -2.36 2.81
N VAL C 150 23.03 -2.44 1.49
CA VAL C 150 22.51 -3.58 0.75
C VAL C 150 23.58 -4.67 0.58
N TYR C 151 24.86 -4.28 0.47
CA TYR C 151 25.95 -5.21 0.23
C TYR C 151 27.00 -5.06 1.32
N GLU C 152 27.56 -6.17 1.76
CA GLU C 152 28.59 -6.15 2.80
C GLU C 152 29.98 -5.82 2.21
N MET D 1 -0.78 -21.03 28.78
CA MET D 1 -1.46 -21.08 27.49
C MET D 1 -0.51 -20.80 26.34
N ALA D 2 -0.75 -21.48 25.21
CA ALA D 2 0.12 -21.36 24.05
C ALA D 2 0.01 -20.00 23.39
N ASN D 3 -1.09 -19.28 23.60
CA ASN D 3 -1.26 -17.96 23.00
C ASN D 3 -0.33 -16.91 23.64
N LEU D 4 0.39 -17.24 24.73
CA LEU D 4 1.24 -16.29 25.44
C LEU D 4 2.72 -16.41 25.08
N GLU D 5 3.04 -17.22 24.08
CA GLU D 5 4.40 -17.34 23.60
C GLU D 5 4.90 -16.00 23.08
N ARG D 6 6.21 -15.80 23.27
CA ARG D 6 6.90 -14.59 22.85
C ARG D 6 8.12 -14.89 22.01
N THR D 7 8.42 -13.93 21.15
CA THR D 7 9.66 -13.93 20.38
C THR D 7 10.33 -12.56 20.43
N PHE D 8 11.64 -12.60 20.17
CA PHE D 8 12.50 -11.42 20.09
C PHE D 8 12.79 -11.12 18.62
N ILE D 9 12.49 -9.89 18.19
CA ILE D 9 12.72 -9.44 16.83
C ILE D 9 13.57 -8.17 16.88
N ALA D 10 14.68 -8.16 16.16
CA ALA D 10 15.54 -6.98 16.12
C ALA D 10 15.71 -6.54 14.67
N ILE D 11 15.38 -5.28 14.38
CA ILE D 11 15.68 -4.68 13.09
C ILE D 11 17.10 -4.15 13.17
N LYS D 12 17.96 -4.62 12.26
CA LYS D 12 19.39 -4.32 12.27
C LYS D 12 19.66 -2.98 11.62
N PRO D 13 20.90 -2.48 11.70
CA PRO D 13 21.17 -1.13 11.16
C PRO D 13 20.88 -0.99 9.68
N ASP D 14 21.04 -2.03 8.85
CA ASP D 14 20.69 -1.85 7.44
C ASP D 14 19.18 -1.68 7.27
N GLY D 15 18.38 -2.30 8.13
CA GLY D 15 16.94 -2.09 8.07
C GLY D 15 16.51 -0.69 8.47
N VAL D 16 17.11 -0.16 9.53
CA VAL D 16 16.85 1.22 9.91
C VAL D 16 17.31 2.16 8.80
N GLN D 17 18.50 1.93 8.27
CA GLN D 17 19.11 2.84 7.32
C GLN D 17 18.34 2.90 6.01
N ARG D 18 17.76 1.78 5.58
CA ARG D 18 17.01 1.74 4.33
C ARG D 18 15.53 2.05 4.54
N GLY D 19 15.14 2.50 5.73
CA GLY D 19 13.82 3.03 5.96
C GLY D 19 12.72 1.99 6.07
N LEU D 20 13.00 0.86 6.70
CA LEU D 20 12.10 -0.28 6.70
C LEU D 20 11.42 -0.54 8.05
N VAL D 21 11.62 0.31 9.05
CA VAL D 21 11.09 0.03 10.37
C VAL D 21 9.57 -0.09 10.32
N GLY D 22 8.92 0.88 9.67
CA GLY D 22 7.47 0.88 9.63
C GLY D 22 6.89 -0.33 8.90
N GLU D 23 7.45 -0.65 7.73
CA GLU D 23 6.97 -1.81 6.96
C GLU D 23 6.99 -3.08 7.81
N ILE D 24 8.11 -3.30 8.52
CA ILE D 24 8.31 -4.51 9.32
C ILE D 24 7.30 -4.56 10.46
N ILE D 25 7.19 -3.47 11.21
CA ILE D 25 6.23 -3.44 12.31
C ILE D 25 4.83 -3.69 11.77
N LYS D 26 4.52 -3.14 10.60
CA LYS D 26 3.17 -3.26 10.05
C LYS D 26 2.85 -4.72 9.74
N ARG D 27 3.81 -5.44 9.17
CA ARG D 27 3.54 -6.85 8.88
C ARG D 27 3.25 -7.61 10.16
N PHE D 28 3.98 -7.30 11.23
CA PHE D 28 3.69 -8.02 12.47
C PHE D 28 2.34 -7.61 13.08
N GLU D 29 2.01 -6.31 13.06
CA GLU D 29 0.72 -5.88 13.61
C GLU D 29 -0.44 -6.49 12.85
N GLN D 30 -0.41 -6.41 11.52
CA GLN D 30 -1.52 -6.90 10.72
C GLN D 30 -1.62 -8.41 10.76
N LYS D 31 -0.53 -9.12 11.05
CA LYS D 31 -0.67 -10.57 11.25
C LYS D 31 -1.53 -10.90 12.45
N GLY D 32 -1.57 -10.02 13.45
CA GLY D 32 -2.34 -10.24 14.66
C GLY D 32 -1.54 -10.45 15.93
N PHE D 33 -0.22 -10.32 15.89
CA PHE D 33 0.59 -10.45 17.07
C PHE D 33 0.56 -9.17 17.89
N ARG D 34 0.83 -9.32 19.18
CA ARG D 34 0.75 -8.19 20.11
C ARG D 34 2.15 -7.68 20.46
N LEU D 35 2.35 -6.39 20.24
CA LEU D 35 3.63 -5.79 20.61
C LEU D 35 3.74 -5.72 22.13
N VAL D 36 4.75 -6.39 22.68
CA VAL D 36 4.97 -6.43 24.10
C VAL D 36 6.02 -5.41 24.52
N ALA D 37 7.07 -5.25 23.72
CA ALA D 37 8.10 -4.29 24.08
C ALA D 37 8.81 -3.79 22.84
N MET D 38 9.37 -2.59 22.94
CA MET D 38 10.14 -2.04 21.83
C MET D 38 11.06 -0.92 22.34
N LYS D 39 12.30 -0.93 21.88
CA LYS D 39 13.19 0.21 22.11
C LYS D 39 14.23 0.35 21.01
N PHE D 40 14.74 1.57 20.90
CA PHE D 40 15.68 1.98 19.87
C PHE D 40 17.03 2.20 20.56
N LEU D 41 18.07 1.53 20.07
CA LEU D 41 19.37 1.61 20.73
C LEU D 41 20.48 1.46 19.70
N ARG D 42 21.71 1.74 20.13
CA ARG D 42 22.89 1.45 19.32
C ARG D 42 23.47 0.12 19.80
N ALA D 43 23.77 -0.78 18.85
CA ALA D 43 24.28 -2.11 19.16
C ALA D 43 25.06 -2.60 17.95
N SER D 44 26.14 -3.32 18.20
CA SER D 44 26.92 -3.89 17.11
C SER D 44 26.71 -5.39 16.96
N GLU D 45 26.36 -5.83 15.74
CA GLU D 45 26.22 -7.26 15.47
C GLU D 45 27.56 -7.96 15.67
N GLU D 46 28.64 -7.26 15.33
CA GLU D 46 29.97 -7.82 15.48
C GLU D 46 30.23 -8.23 16.93
N HIS D 47 29.94 -7.33 17.87
CA HIS D 47 30.24 -7.62 19.26
C HIS D 47 29.28 -8.63 19.86
N LEU D 48 28.02 -8.66 19.39
CA LEU D 48 27.08 -9.65 19.88
C LEU D 48 27.44 -11.05 19.38
N LYS D 49 28.03 -11.14 18.20
CA LYS D 49 28.36 -12.42 17.59
C LYS D 49 29.86 -12.73 17.61
N GLN D 50 30.66 -12.04 18.42
CA GLN D 50 32.11 -12.18 18.35
C GLN D 50 32.59 -13.54 18.87
N HIS D 51 31.90 -14.12 19.88
CA HIS D 51 32.15 -15.51 20.35
C HIS D 51 31.31 -16.53 19.60
N TYR D 52 31.80 -16.88 18.43
CA TYR D 52 30.95 -17.65 17.56
C TYR D 52 31.64 -18.88 17.01
N ILE D 53 32.12 -18.76 15.78
CA ILE D 53 32.74 -19.89 15.08
C ILE D 53 33.95 -20.36 15.87
N ASP D 54 33.97 -21.65 16.23
CA ASP D 54 34.99 -22.21 17.11
C ASP D 54 35.94 -23.13 16.35
N LEU D 55 37.20 -22.76 16.38
CA LEU D 55 38.28 -23.57 15.87
C LEU D 55 39.51 -23.27 16.72
N LYS D 66 30.66 -11.58 8.24
CA LYS D 66 31.07 -10.18 8.19
C LYS D 66 29.94 -9.27 8.71
N TYR D 67 29.84 -9.26 10.05
CA TYR D 67 28.73 -8.58 10.72
C TYR D 67 28.87 -7.07 10.68
N MET D 68 27.74 -6.45 10.89
CA MET D 68 27.60 -5.01 10.86
C MET D 68 28.23 -4.44 12.11
N ASN D 69 28.79 -3.25 11.97
CA ASN D 69 29.34 -2.57 13.14
C ASN D 69 28.22 -1.92 13.95
N SER D 70 28.65 -1.27 15.03
CA SER D 70 27.75 -0.58 15.93
C SER D 70 26.87 0.39 15.17
N GLY D 71 25.55 0.23 15.32
CA GLY D 71 24.61 1.12 14.68
C GLY D 71 23.23 1.06 15.31
N PRO D 72 22.27 1.77 14.73
CA PRO D 72 20.94 1.82 15.34
C PRO D 72 20.16 0.53 15.07
N VAL D 73 19.50 0.01 16.10
CA VAL D 73 18.68 -1.18 15.97
C VAL D 73 17.38 -0.94 16.72
N VAL D 74 16.32 -1.57 16.22
CA VAL D 74 15.03 -1.61 16.89
C VAL D 74 14.86 -2.98 17.53
N ALA D 75 14.85 -3.03 18.86
CA ALA D 75 14.62 -4.26 19.59
C ALA D 75 13.13 -4.36 19.94
N MET D 76 12.56 -5.56 19.75
CA MET D 76 11.15 -5.75 20.00
C MET D 76 10.86 -7.12 20.58
N VAL D 77 9.78 -7.19 21.35
CA VAL D 77 9.19 -8.45 21.81
C VAL D 77 7.75 -8.50 21.33
N TRP D 78 7.40 -9.60 20.65
CA TRP D 78 6.06 -9.83 20.08
C TRP D 78 5.44 -11.10 20.64
N GLU D 79 4.12 -11.06 20.88
CA GLU D 79 3.40 -12.17 21.53
C GLU D 79 2.31 -12.73 20.63
N GLY D 80 2.14 -14.05 20.70
CA GLY D 80 1.05 -14.71 20.01
C GLY D 80 1.31 -16.19 19.83
N LEU D 81 0.27 -16.89 19.38
CA LEU D 81 0.36 -18.33 19.16
C LEU D 81 1.44 -18.63 18.13
N ASN D 82 2.40 -19.48 18.53
CA ASN D 82 3.47 -19.93 17.65
CA ASN D 82 3.48 -19.92 17.66
C ASN D 82 4.22 -18.76 17.02
N VAL D 83 4.41 -17.69 17.79
CA VAL D 83 5.00 -16.48 17.22
C VAL D 83 6.47 -16.67 16.89
N VAL D 84 7.18 -17.53 17.62
CA VAL D 84 8.58 -17.78 17.28
C VAL D 84 8.70 -18.36 15.87
N LYS D 85 8.03 -19.49 15.60
CA LYS D 85 8.12 -20.16 14.31
C LYS D 85 7.46 -19.33 13.21
N THR D 86 6.23 -18.86 13.45
CA THR D 86 5.53 -18.08 12.45
C THR D 86 6.28 -16.80 12.15
N GLY D 87 6.87 -16.18 13.17
CA GLY D 87 7.72 -15.03 12.94
C GLY D 87 8.87 -15.34 12.01
N ARG D 88 9.55 -16.47 12.24
CA ARG D 88 10.62 -16.88 11.33
C ARG D 88 10.09 -17.07 9.91
N VAL D 89 8.91 -17.66 9.77
CA VAL D 89 8.32 -17.78 8.44
C VAL D 89 8.12 -16.40 7.82
N MET D 90 7.64 -15.44 8.61
CA MET D 90 7.38 -14.10 8.07
C MET D 90 8.68 -13.37 7.70
N LEU D 91 9.77 -13.65 8.41
CA LEU D 91 11.03 -13.05 8.03
C LEU D 91 11.54 -13.61 6.71
N GLY D 92 11.27 -14.89 6.45
CA GLY D 92 11.89 -15.58 5.36
C GLY D 92 13.23 -16.18 5.75
N GLU D 93 13.81 -16.93 4.81
CA GLU D 93 15.08 -17.60 5.05
C GLU D 93 16.14 -16.59 5.46
N THR D 94 17.03 -17.01 6.36
CA THR D 94 18.09 -16.13 6.84
C THR D 94 18.94 -15.62 5.69
N ASN D 95 19.22 -16.48 4.72
CA ASN D 95 19.97 -16.10 3.53
C ASN D 95 18.98 -15.54 2.50
N PRO D 96 18.98 -14.23 2.26
CA PRO D 96 17.97 -13.66 1.36
C PRO D 96 17.89 -14.32 0.01
N ALA D 97 18.99 -14.92 -0.45
CA ALA D 97 18.98 -15.62 -1.74
C ALA D 97 17.92 -16.72 -1.77
N ASP D 98 17.54 -17.28 -0.62
CA ASP D 98 16.54 -18.34 -0.54
C ASP D 98 15.18 -17.85 -0.06
N SER D 99 15.02 -16.56 0.22
CA SER D 99 13.77 -16.05 0.77
C SER D 99 12.71 -15.94 -0.32
N LYS D 100 11.46 -16.28 0.02
CA LYS D 100 10.39 -16.21 -0.96
C LYS D 100 9.77 -14.80 -0.98
N PRO D 101 9.37 -14.33 -2.16
CA PRO D 101 8.57 -13.09 -2.22
C PRO D 101 7.35 -13.19 -1.31
N GLY D 102 7.06 -12.10 -0.61
CA GLY D 102 6.05 -12.07 0.41
C GLY D 102 6.59 -12.07 1.82
N THR D 103 7.82 -12.55 2.00
CA THR D 103 8.52 -12.45 3.26
C THR D 103 9.25 -11.12 3.32
N ILE D 104 9.66 -10.74 4.54
CA ILE D 104 10.40 -9.49 4.73
C ILE D 104 11.70 -9.51 3.92
N ARG D 105 12.51 -10.56 4.10
CA ARG D 105 13.77 -10.61 3.38
C ARG D 105 13.56 -10.87 1.89
N GLY D 106 12.52 -11.63 1.54
CA GLY D 106 12.24 -11.87 0.14
C GLY D 106 11.88 -10.60 -0.60
N ASP D 107 11.20 -9.68 0.07
CA ASP D 107 10.82 -8.43 -0.54
C ASP D 107 11.91 -7.38 -0.48
N PHE D 108 12.77 -7.39 0.55
CA PHE D 108 13.57 -6.20 0.79
C PHE D 108 15.09 -6.34 0.80
N CYS D 109 15.68 -7.53 0.66
CA CYS D 109 17.13 -7.56 0.70
C CYS D 109 17.72 -8.72 -0.09
N ILE D 110 19.05 -8.72 -0.17
CA ILE D 110 19.76 -9.47 -1.19
C ILE D 110 20.88 -10.36 -0.64
N GLN D 111 21.59 -9.90 0.37
CA GLN D 111 22.80 -10.56 0.84
C GLN D 111 22.71 -10.84 2.34
N VAL D 112 23.23 -12.01 2.73
CA VAL D 112 23.04 -12.50 4.09
C VAL D 112 23.69 -11.59 5.12
N GLY D 113 24.82 -10.98 4.78
CA GLY D 113 25.44 -10.04 5.68
C GLY D 113 24.68 -8.73 5.83
N ARG D 114 23.65 -8.51 5.03
CA ARG D 114 22.79 -7.33 5.13
C ARG D 114 21.34 -7.81 4.98
N ASN D 115 20.90 -8.67 5.91
CA ASN D 115 19.59 -9.31 5.84
C ASN D 115 18.60 -8.65 6.79
N ILE D 116 18.87 -7.40 7.12
CA ILE D 116 18.03 -6.39 7.76
C ILE D 116 17.33 -6.74 9.07
N ILE D 117 17.24 -8.02 9.46
CA ILE D 117 16.40 -8.35 10.59
C ILE D 117 16.87 -9.64 11.21
N HIS D 118 16.52 -9.84 12.47
CA HIS D 118 16.80 -11.07 13.19
C HIS D 118 15.58 -11.48 14.02
N GLY D 119 15.27 -12.76 14.00
CA GLY D 119 14.26 -13.31 14.87
C GLY D 119 14.74 -14.58 15.55
N SER D 120 14.27 -14.77 16.78
CA SER D 120 14.65 -15.95 17.56
C SER D 120 14.28 -17.23 16.82
N ASP D 121 15.15 -18.24 16.91
CA ASP D 121 14.94 -19.51 16.21
C ASP D 121 14.27 -20.59 17.08
N SER D 122 14.05 -20.35 18.37
CA SER D 122 13.36 -21.34 19.18
C SER D 122 12.79 -20.64 20.41
N VAL D 123 11.86 -21.32 21.07
CA VAL D 123 11.19 -20.72 22.22
C VAL D 123 12.19 -20.38 23.33
N LYS D 124 13.07 -21.32 23.65
CA LYS D 124 13.99 -21.05 24.76
C LYS D 124 15.03 -20.01 24.34
N SER D 125 15.52 -20.09 23.10
CA SER D 125 16.35 -19.01 22.57
C SER D 125 15.65 -17.67 22.72
N ALA D 126 14.35 -17.63 22.40
CA ALA D 126 13.60 -16.40 22.54
C ALA D 126 13.58 -15.90 23.99
N GLU D 127 13.34 -16.79 24.99
CA GLU D 127 13.28 -16.33 26.37
C GLU D 127 14.63 -15.80 26.83
N LYS D 128 15.71 -16.44 26.38
CA LYS D 128 17.07 -16.00 26.67
C LYS D 128 17.35 -14.62 26.11
N GLU D 129 17.01 -14.42 24.83
CA GLU D 129 17.22 -13.13 24.19
C GLU D 129 16.39 -12.06 24.86
N ILE D 130 15.16 -12.38 25.23
CA ILE D 130 14.32 -11.39 25.90
C ILE D 130 14.93 -11.03 27.25
N SER D 131 15.42 -12.03 27.98
CA SER D 131 16.10 -11.74 29.24
C SER D 131 17.30 -10.83 29.00
N LEU D 132 18.04 -11.08 27.92
CA LEU D 132 19.28 -10.36 27.67
C LEU D 132 19.04 -8.92 27.24
N TRP D 133 18.01 -8.68 26.44
CA TRP D 133 17.83 -7.37 25.83
C TRP D 133 16.90 -6.44 26.60
N PHE D 134 16.00 -6.99 27.40
CA PHE D 134 14.97 -6.19 28.04
C PHE D 134 14.99 -6.40 29.55
N LYS D 135 14.66 -5.35 30.27
CA LYS D 135 14.33 -5.45 31.67
C LYS D 135 12.90 -5.97 31.82
N PRO D 136 12.61 -6.72 32.87
CA PRO D 136 11.23 -7.22 33.03
C PRO D 136 10.16 -6.12 32.97
N GLU D 137 10.47 -4.93 33.47
CA GLU D 137 9.52 -3.83 33.51
C GLU D 137 9.30 -3.15 32.16
N GLU D 138 10.15 -3.42 31.15
CA GLU D 138 9.92 -2.91 29.81
C GLU D 138 8.93 -3.76 29.02
N LEU D 139 8.53 -4.92 29.53
CA LEU D 139 7.54 -5.77 28.87
C LEU D 139 6.16 -5.36 29.37
N VAL D 140 5.36 -4.81 28.46
CA VAL D 140 4.11 -4.13 28.79
C VAL D 140 2.95 -5.11 28.61
N ASP D 141 2.08 -5.17 29.61
CA ASP D 141 0.92 -6.05 29.59
C ASP D 141 -0.34 -5.25 29.29
N TYR D 142 -1.04 -5.63 28.22
CA TYR D 142 -2.32 -5.04 27.88
C TYR D 142 -3.04 -6.04 26.98
N LYS D 143 -4.33 -5.79 26.77
CA LYS D 143 -5.15 -6.67 25.93
C LYS D 143 -5.54 -5.96 24.64
N SER D 144 -5.25 -6.61 23.50
CA SER D 144 -5.62 -6.05 22.20
CA SER D 144 -5.62 -6.03 22.22
C SER D 144 -7.12 -6.06 22.02
N CYS D 145 -7.67 -4.95 21.53
CA CYS D 145 -9.12 -4.86 21.36
C CYS D 145 -9.65 -5.88 20.37
N ALA D 146 -8.80 -6.43 19.50
CA ALA D 146 -9.21 -7.42 18.52
C ALA D 146 -8.86 -8.84 18.93
N HIS D 147 -8.48 -9.06 20.19
CA HIS D 147 -8.01 -10.36 20.60
C HIS D 147 -9.06 -11.44 20.37
N ASP D 148 -10.33 -11.15 20.70
CA ASP D 148 -11.39 -12.15 20.53
C ASP D 148 -11.70 -12.43 19.08
N TRP D 149 -11.21 -11.62 18.15
CA TRP D 149 -11.37 -11.88 16.74
C TRP D 149 -10.15 -12.50 16.10
N VAL D 150 -9.05 -12.60 16.84
CA VAL D 150 -7.86 -13.26 16.35
C VAL D 150 -7.78 -14.66 16.95
N TYR D 151 -8.26 -14.81 18.19
CA TYR D 151 -8.24 -16.09 18.89
C TYR D 151 -9.67 -16.50 19.21
N GLU D 152 -9.91 -17.81 19.16
CA GLU D 152 -11.20 -18.39 19.53
C GLU D 152 -11.25 -18.63 21.03
N MET E 1 -16.86 -22.18 -21.84
CA MET E 1 -15.50 -21.65 -21.76
C MET E 1 -14.99 -21.71 -20.32
N ALA E 2 -13.70 -22.03 -20.15
CA ALA E 2 -13.15 -22.17 -18.81
C ALA E 2 -13.00 -20.81 -18.12
N ASN E 3 -12.94 -19.72 -18.89
CA ASN E 3 -12.79 -18.39 -18.33
C ASN E 3 -14.05 -17.93 -17.57
N LEU E 4 -15.18 -18.66 -17.63
CA LEU E 4 -16.41 -18.29 -16.94
C LEU E 4 -16.65 -19.04 -15.61
N GLU E 5 -15.68 -19.78 -15.12
CA GLU E 5 -15.80 -20.42 -13.82
C GLU E 5 -16.04 -19.36 -12.76
N ARG E 6 -16.77 -19.74 -11.74
CA ARG E 6 -17.18 -18.86 -10.67
C ARG E 6 -16.82 -19.49 -9.35
N THR E 7 -16.50 -18.67 -8.36
CA THR E 7 -16.34 -19.18 -7.00
C THR E 7 -17.05 -18.27 -6.02
N PHE E 8 -17.36 -18.84 -4.86
CA PHE E 8 -17.98 -18.14 -3.75
C PHE E 8 -16.93 -17.84 -2.68
N ILE E 9 -16.82 -16.58 -2.30
CA ILE E 9 -15.89 -16.13 -1.27
C ILE E 9 -16.71 -15.41 -0.20
N ALA E 10 -16.54 -15.81 1.06
CA ALA E 10 -17.24 -15.17 2.17
C ALA E 10 -16.22 -14.65 3.18
N ILE E 11 -16.26 -13.35 3.45
CA ILE E 11 -15.45 -12.76 4.52
C ILE E 11 -16.25 -12.90 5.82
N LYS E 12 -15.64 -13.52 6.82
CA LYS E 12 -16.32 -13.86 8.05
C LYS E 12 -16.30 -12.69 9.01
N PRO E 13 -17.01 -12.79 10.15
CA PRO E 13 -17.06 -11.66 11.07
C PRO E 13 -15.69 -11.19 11.55
N ASP E 14 -14.71 -12.09 11.72
CA ASP E 14 -13.40 -11.62 12.16
C ASP E 14 -12.72 -10.79 11.08
N GLY E 15 -12.98 -11.09 9.81
CA GLY E 15 -12.44 -10.28 8.73
C GLY E 15 -13.06 -8.90 8.68
N VAL E 16 -14.38 -8.81 8.87
CA VAL E 16 -15.06 -7.52 8.95
C VAL E 16 -14.56 -6.74 10.15
N GLN E 17 -14.49 -7.40 11.31
CA GLN E 17 -14.18 -6.71 12.56
C GLN E 17 -12.77 -6.13 12.56
N ARG E 18 -11.82 -6.81 11.92
CA ARG E 18 -10.44 -6.35 11.87
C ARG E 18 -10.15 -5.47 10.66
N GLY E 19 -11.18 -5.08 9.92
CA GLY E 19 -11.06 -4.07 8.88
C GLY E 19 -10.39 -4.54 7.61
N LEU E 20 -10.65 -5.78 7.19
CA LEU E 20 -9.91 -6.38 6.08
C LEU E 20 -10.70 -6.52 4.80
N VAL E 21 -11.92 -5.97 4.74
CA VAL E 21 -12.76 -6.17 3.57
C VAL E 21 -12.09 -5.59 2.33
N GLY E 22 -11.58 -4.36 2.43
CA GLY E 22 -11.00 -3.71 1.28
C GLY E 22 -9.78 -4.43 0.74
N GLU E 23 -8.85 -4.79 1.63
CA GLU E 23 -7.66 -5.53 1.21
C GLU E 23 -8.00 -6.80 0.45
N ILE E 24 -8.97 -7.58 0.96
CA ILE E 24 -9.31 -8.85 0.33
C ILE E 24 -9.87 -8.60 -1.06
N ILE E 25 -10.84 -7.68 -1.15
CA ILE E 25 -11.42 -7.35 -2.46
C ILE E 25 -10.33 -6.86 -3.41
N LYS E 26 -9.38 -6.08 -2.89
CA LYS E 26 -8.33 -5.52 -3.75
C LYS E 26 -7.47 -6.64 -4.33
N ARG E 27 -7.17 -7.66 -3.52
CA ARG E 27 -6.36 -8.76 -4.03
C ARG E 27 -7.08 -9.49 -5.17
N PHE E 28 -8.38 -9.70 -5.02
CA PHE E 28 -9.08 -10.38 -6.10
C PHE E 28 -9.19 -9.50 -7.34
N GLU E 29 -9.46 -8.21 -7.17
CA GLU E 29 -9.56 -7.32 -8.32
C GLU E 29 -8.24 -7.26 -9.08
N GLN E 30 -7.14 -7.05 -8.36
CA GLN E 30 -5.85 -6.87 -9.01
C GLN E 30 -5.35 -8.16 -9.64
N LYS E 31 -5.76 -9.32 -9.12
CA LYS E 31 -5.41 -10.56 -9.79
C LYS E 31 -6.02 -10.64 -11.18
N GLY E 32 -7.12 -9.94 -11.43
CA GLY E 32 -7.78 -9.96 -12.73
C GLY E 32 -9.13 -10.64 -12.76
N PHE E 33 -9.64 -11.09 -11.61
CA PHE E 33 -10.94 -11.73 -11.52
C PHE E 33 -12.03 -10.66 -11.53
N ARG E 34 -13.22 -11.08 -11.95
CA ARG E 34 -14.36 -10.18 -12.11
C ARG E 34 -15.38 -10.43 -11.01
N LEU E 35 -15.72 -9.39 -10.28
CA LEU E 35 -16.74 -9.47 -9.24
C LEU E 35 -18.12 -9.65 -9.90
N VAL E 36 -18.79 -10.74 -9.56
CA VAL E 36 -20.10 -11.04 -10.10
C VAL E 36 -21.19 -10.65 -9.14
N ALA E 37 -20.97 -10.87 -7.85
CA ALA E 37 -22.01 -10.55 -6.88
C ALA E 37 -21.38 -10.25 -5.54
N MET E 38 -22.11 -9.47 -4.74
CA MET E 38 -21.66 -9.16 -3.39
C MET E 38 -22.83 -8.66 -2.57
N LYS E 39 -22.94 -9.15 -1.35
CA LYS E 39 -23.86 -8.57 -0.39
C LYS E 39 -23.33 -8.75 1.03
N PHE E 40 -23.82 -7.88 1.90
CA PHE E 40 -23.40 -7.78 3.29
C PHE E 40 -24.58 -8.23 4.14
N LEU E 41 -24.36 -9.21 5.01
CA LEU E 41 -25.49 -9.72 5.79
C LEU E 41 -25.02 -10.19 7.16
N ARG E 42 -25.99 -10.48 8.03
CA ARG E 42 -25.72 -11.13 9.30
C ARG E 42 -25.91 -12.63 9.13
N ALA E 43 -24.94 -13.41 9.59
CA ALA E 43 -24.98 -14.86 9.42
C ALA E 43 -24.25 -15.50 10.60
N SER E 44 -24.75 -16.67 11.02
CA SER E 44 -24.10 -17.43 12.09
C SER E 44 -23.32 -18.60 11.48
N GLU E 45 -22.01 -18.64 11.73
CA GLU E 45 -21.19 -19.71 11.18
C GLU E 45 -21.63 -21.07 11.72
N GLU E 46 -21.99 -21.11 13.01
CA GLU E 46 -22.45 -22.34 13.61
C GLU E 46 -23.67 -22.89 12.87
N HIS E 47 -24.69 -22.05 12.72
CA HIS E 47 -25.92 -22.51 12.09
C HIS E 47 -25.70 -22.91 10.65
N LEU E 48 -24.69 -22.34 9.98
CA LEU E 48 -24.45 -22.68 8.58
C LEU E 48 -23.62 -23.95 8.45
N LYS E 49 -22.57 -24.10 9.26
CA LYS E 49 -21.76 -25.30 9.19
C LYS E 49 -22.42 -26.52 9.84
N GLN E 50 -23.16 -26.33 10.93
CA GLN E 50 -24.04 -27.37 11.48
C GLN E 50 -25.42 -27.39 10.80
N HIS E 51 -25.35 -27.39 9.47
CA HIS E 51 -26.49 -27.45 8.57
C HIS E 51 -26.20 -28.48 7.49
N TYR E 52 -25.01 -29.07 7.48
CA TYR E 52 -24.71 -30.26 6.70
C TYR E 52 -23.50 -30.99 7.28
N LEU E 64 -12.34 -30.12 18.64
CA LEU E 64 -13.33 -29.29 17.96
C LEU E 64 -12.76 -27.86 17.85
N VAL E 65 -13.07 -27.20 16.74
CA VAL E 65 -12.86 -25.76 16.58
C VAL E 65 -14.17 -24.97 16.82
N LYS E 66 -14.09 -23.92 17.65
CA LYS E 66 -15.29 -23.20 18.12
C LYS E 66 -15.62 -22.11 17.09
N TYR E 67 -16.72 -22.31 16.36
CA TYR E 67 -17.17 -21.34 15.35
C TYR E 67 -17.77 -20.08 15.96
N MET E 68 -17.80 -19.03 15.15
CA MET E 68 -18.27 -17.70 15.52
C MET E 68 -19.79 -17.69 15.58
N ASN E 69 -20.30 -16.82 16.43
CA ASN E 69 -21.71 -16.58 16.47
C ASN E 69 -22.13 -15.60 15.36
N SER E 70 -23.42 -15.34 15.31
CA SER E 70 -23.99 -14.45 14.31
C SER E 70 -23.24 -13.13 14.29
N GLY E 71 -22.80 -12.75 13.11
CA GLY E 71 -22.12 -11.50 12.90
C GLY E 71 -22.13 -11.14 11.43
N PRO E 72 -21.47 -10.04 11.06
CA PRO E 72 -21.52 -9.60 9.66
C PRO E 72 -20.58 -10.43 8.78
N VAL E 73 -21.05 -10.72 7.57
CA VAL E 73 -20.26 -11.46 6.59
C VAL E 73 -20.45 -10.72 5.27
N VAL E 74 -19.38 -10.71 4.47
CA VAL E 74 -19.44 -10.21 3.11
C VAL E 74 -19.44 -11.42 2.17
N ALA E 75 -20.57 -11.71 1.53
CA ALA E 75 -20.68 -12.80 0.58
C ALA E 75 -20.41 -12.27 -0.82
N MET E 76 -19.63 -13.01 -1.60
CA MET E 76 -19.21 -12.55 -2.92
C MET E 76 -19.12 -13.71 -3.89
N VAL E 77 -19.32 -13.38 -5.16
CA VAL E 77 -19.08 -14.30 -6.27
C VAL E 77 -18.10 -13.63 -7.22
N TRP E 78 -17.04 -14.37 -7.56
CA TRP E 78 -15.96 -13.92 -8.45
C TRP E 78 -15.84 -14.84 -9.65
N GLU E 79 -15.53 -14.28 -10.82
CA GLU E 79 -15.46 -15.03 -12.06
C GLU E 79 -14.06 -15.00 -12.66
N GLY E 80 -13.66 -16.11 -13.27
CA GLY E 80 -12.41 -16.14 -14.02
C GLY E 80 -11.88 -17.54 -14.20
N LEU E 81 -10.85 -17.63 -15.03
CA LEU E 81 -10.20 -18.90 -15.30
C LEU E 81 -9.66 -19.48 -14.00
N ASN E 82 -10.05 -20.72 -13.72
CA ASN E 82 -9.56 -21.46 -12.56
C ASN E 82 -9.73 -20.69 -11.26
N VAL E 83 -10.79 -19.90 -11.17
CA VAL E 83 -10.91 -19.02 -10.02
C VAL E 83 -11.15 -19.82 -8.74
N VAL E 84 -11.78 -20.99 -8.82
CA VAL E 84 -11.99 -21.76 -7.59
C VAL E 84 -10.65 -22.13 -6.97
N LYS E 85 -9.81 -22.82 -7.75
CA LYS E 85 -8.52 -23.28 -7.24
C LYS E 85 -7.59 -22.11 -6.94
N THR E 86 -7.46 -21.18 -7.88
CA THR E 86 -6.58 -20.03 -7.68
C THR E 86 -7.05 -19.18 -6.51
N GLY E 87 -8.37 -19.02 -6.35
CA GLY E 87 -8.87 -18.35 -5.16
C GLY E 87 -8.41 -19.04 -3.90
N ARG E 88 -8.48 -20.37 -3.88
CA ARG E 88 -7.99 -21.11 -2.72
C ARG E 88 -6.51 -20.85 -2.47
N VAL E 89 -5.72 -20.80 -3.55
CA VAL E 89 -4.30 -20.49 -3.39
C VAL E 89 -4.13 -19.10 -2.78
N MET E 90 -4.90 -18.14 -3.25
CA MET E 90 -4.75 -16.77 -2.77
C MET E 90 -5.17 -16.63 -1.32
N LEU E 91 -6.14 -17.43 -0.89
CA LEU E 91 -6.52 -17.41 0.53
C LEU E 91 -5.42 -17.98 1.40
N GLY E 92 -4.67 -18.95 0.89
CA GLY E 92 -3.76 -19.72 1.70
C GLY E 92 -4.47 -20.88 2.37
N GLU E 93 -3.67 -21.74 3.00
CA GLU E 93 -4.21 -22.93 3.63
C GLU E 93 -5.28 -22.58 4.66
N THR E 94 -6.27 -23.46 4.79
CA THR E 94 -7.37 -23.21 5.73
C THR E 94 -6.86 -22.97 7.15
N ASN E 95 -5.83 -23.72 7.56
CA ASN E 95 -5.24 -23.51 8.87
C ASN E 95 -4.17 -22.43 8.74
N PRO E 96 -4.37 -21.22 9.29
CA PRO E 96 -3.38 -20.15 9.07
C PRO E 96 -1.96 -20.59 9.43
N ALA E 97 -1.82 -21.53 10.35
CA ALA E 97 -0.51 -22.03 10.73
C ALA E 97 0.28 -22.54 9.54
N ASP E 98 -0.41 -22.95 8.48
CA ASP E 98 0.26 -23.46 7.29
C ASP E 98 0.25 -22.47 6.12
N SER E 99 -0.35 -21.31 6.29
CA SER E 99 -0.47 -20.35 5.19
C SER E 99 0.85 -19.63 4.97
N LYS E 100 1.18 -19.38 3.68
CA LYS E 100 2.43 -18.72 3.31
C LYS E 100 2.27 -17.21 3.32
N PRO E 101 3.35 -16.50 3.68
CA PRO E 101 3.35 -15.05 3.47
C PRO E 101 3.01 -14.73 2.02
N GLY E 102 2.18 -13.71 1.84
CA GLY E 102 1.65 -13.36 0.54
C GLY E 102 0.22 -13.79 0.32
N THR E 103 -0.24 -14.79 1.06
CA THR E 103 -1.64 -15.18 1.04
C THR E 103 -2.41 -14.34 2.08
N ILE E 104 -3.74 -14.33 1.92
CA ILE E 104 -4.59 -13.57 2.84
C ILE E 104 -4.41 -14.08 4.26
N ARG E 105 -4.53 -15.40 4.45
CA ARG E 105 -4.36 -15.94 5.80
C ARG E 105 -2.91 -15.86 6.26
N GLY E 106 -1.94 -16.02 5.36
CA GLY E 106 -0.56 -15.86 5.75
C GLY E 106 -0.23 -14.46 6.21
N ASP E 107 -0.85 -13.47 5.62
CA ASP E 107 -0.57 -12.09 6.01
C ASP E 107 -1.39 -11.65 7.21
N PHE E 108 -2.59 -12.18 7.41
CA PHE E 108 -3.50 -11.51 8.32
C PHE E 108 -4.05 -12.31 9.51
N CYS E 109 -3.76 -13.60 9.66
CA CYS E 109 -4.33 -14.28 10.81
C CYS E 109 -3.51 -15.47 11.28
N ILE E 110 -3.96 -16.04 12.39
CA ILE E 110 -3.11 -16.89 13.22
C ILE E 110 -3.74 -18.24 13.53
N GLN E 111 -5.07 -18.27 13.75
CA GLN E 111 -5.72 -19.45 14.28
C GLN E 111 -6.85 -19.90 13.36
N VAL E 112 -7.03 -21.21 13.25
CA VAL E 112 -7.97 -21.74 12.26
C VAL E 112 -9.39 -21.30 12.56
N GLY E 113 -9.76 -21.22 13.84
CA GLY E 113 -11.07 -20.76 14.23
C GLY E 113 -11.34 -19.30 13.96
N ARG E 114 -10.32 -18.54 13.56
CA ARG E 114 -10.44 -17.15 13.18
C ARG E 114 -9.64 -16.94 11.89
N ASN E 115 -10.01 -17.64 10.82
CA ASN E 115 -9.27 -17.61 9.56
C ASN E 115 -9.92 -16.70 8.54
N ILE E 116 -10.76 -15.78 9.03
CA ILE E 116 -11.32 -14.61 8.36
C ILE E 116 -12.02 -14.75 7.03
N ILE E 117 -11.91 -15.89 6.33
CA ILE E 117 -12.44 -15.97 4.99
C ILE E 117 -12.71 -17.42 4.64
N HIS E 118 -13.61 -17.62 3.67
CA HIS E 118 -13.96 -18.93 3.17
C HIS E 118 -14.05 -18.86 1.65
N GLY E 119 -13.52 -19.88 0.98
CA GLY E 119 -13.70 -20.01 -0.44
C GLY E 119 -14.12 -21.44 -0.80
N SER E 120 -14.87 -21.67 -1.89
CA SER E 120 -15.33 -22.90 -2.33
C SER E 120 -14.18 -23.78 -2.63
N ASP E 121 -14.30 -25.01 -2.28
CA ASP E 121 -13.21 -25.96 -2.51
C ASP E 121 -13.31 -26.68 -3.84
N SER E 122 -14.40 -26.54 -4.57
CA SER E 122 -14.55 -27.16 -5.88
C SER E 122 -15.65 -26.46 -6.66
N VAL E 123 -15.65 -26.72 -7.97
CA VAL E 123 -16.62 -26.06 -8.85
C VAL E 123 -18.04 -26.41 -8.44
N LYS E 124 -18.27 -27.68 -8.11
CA LYS E 124 -19.60 -28.12 -7.71
C LYS E 124 -20.02 -27.51 -6.38
N SER E 125 -19.13 -27.56 -5.39
CA SER E 125 -19.37 -26.83 -4.16
C SER E 125 -19.66 -25.36 -4.44
N ALA E 126 -18.92 -24.76 -5.37
CA ALA E 126 -19.09 -23.34 -5.64
C ALA E 126 -20.50 -23.07 -6.16
N GLU E 127 -20.98 -23.88 -7.10
CA GLU E 127 -22.31 -23.64 -7.66
C GLU E 127 -23.41 -23.88 -6.62
N LYS E 128 -23.22 -24.89 -5.76
CA LYS E 128 -24.17 -25.12 -4.68
C LYS E 128 -24.24 -23.92 -3.74
N GLU E 129 -23.12 -23.44 -3.28
CA GLU E 129 -23.18 -22.35 -2.38
C GLU E 129 -23.59 -21.07 -3.03
N ILE E 130 -23.34 -20.86 -4.27
CA ILE E 130 -23.85 -19.65 -4.93
C ILE E 130 -25.37 -19.68 -4.97
N SER E 131 -25.96 -20.83 -5.33
CA SER E 131 -27.42 -20.94 -5.31
C SER E 131 -27.97 -20.72 -3.90
N LEU E 132 -27.29 -21.26 -2.89
CA LEU E 132 -27.81 -21.17 -1.53
C LEU E 132 -27.75 -19.75 -0.98
N TRP E 133 -26.73 -18.98 -1.34
CA TRP E 133 -26.57 -17.66 -0.75
C TRP E 133 -27.16 -16.55 -1.59
N PHE E 134 -27.27 -16.74 -2.90
CA PHE E 134 -27.64 -15.67 -3.82
C PHE E 134 -28.87 -16.04 -4.63
N LYS E 135 -29.66 -15.01 -4.95
CA LYS E 135 -30.69 -15.11 -5.98
C LYS E 135 -30.04 -14.95 -7.34
N PRO E 136 -30.55 -15.63 -8.36
CA PRO E 136 -29.95 -15.48 -9.70
C PRO E 136 -29.88 -14.03 -10.18
N GLU E 137 -30.83 -13.17 -9.81
CA GLU E 137 -30.80 -11.81 -10.35
C GLU E 137 -29.73 -10.96 -9.69
N GLU E 138 -29.15 -11.42 -8.58
CA GLU E 138 -28.05 -10.75 -7.89
C GLU E 138 -26.70 -10.98 -8.56
N LEU E 139 -26.64 -11.90 -9.52
CA LEU E 139 -25.42 -12.18 -10.26
C LEU E 139 -25.39 -11.26 -11.47
N VAL E 140 -24.46 -10.33 -11.49
CA VAL E 140 -24.44 -9.25 -12.47
C VAL E 140 -23.50 -9.64 -13.61
N ASP E 141 -23.96 -9.44 -14.84
CA ASP E 141 -23.18 -9.74 -16.03
C ASP E 141 -22.68 -8.44 -16.64
N TYR E 142 -21.35 -8.33 -16.80
CA TYR E 142 -20.73 -7.21 -17.48
C TYR E 142 -19.34 -7.65 -17.94
N LYS E 143 -18.76 -6.86 -18.84
CA LYS E 143 -17.43 -7.12 -19.39
C LYS E 143 -16.41 -6.14 -18.83
N SER E 144 -15.31 -6.67 -18.33
CA SER E 144 -14.23 -5.83 -17.84
CA SER E 144 -14.23 -5.82 -17.84
C SER E 144 -13.53 -5.13 -19.01
N CYS E 145 -13.16 -3.87 -18.80
CA CYS E 145 -12.48 -3.13 -19.85
C CYS E 145 -11.09 -3.65 -20.12
N ALA E 146 -10.50 -4.40 -19.17
CA ALA E 146 -9.16 -4.95 -19.33
C ALA E 146 -9.18 -6.43 -19.68
N HIS E 147 -10.34 -6.97 -20.05
CA HIS E 147 -10.47 -8.41 -20.27
C HIS E 147 -9.50 -8.91 -21.32
N ASP E 148 -9.37 -8.18 -22.43
CA ASP E 148 -8.49 -8.61 -23.52
C ASP E 148 -7.01 -8.53 -23.16
N TRP E 149 -6.65 -7.86 -22.05
CA TRP E 149 -5.29 -7.81 -21.57
C TRP E 149 -5.04 -8.79 -20.44
N VAL E 150 -6.09 -9.44 -19.97
CA VAL E 150 -5.99 -10.49 -18.97
C VAL E 150 -6.07 -11.88 -19.60
N TYR E 151 -6.88 -12.01 -20.64
CA TYR E 151 -7.08 -13.27 -21.34
C TYR E 151 -6.68 -13.11 -22.80
N GLU E 152 -6.14 -14.18 -23.38
CA GLU E 152 -5.81 -14.17 -24.80
C GLU E 152 -7.04 -14.60 -25.61
N MET F 1 -8.16 18.96 -29.40
CA MET F 1 -8.94 18.39 -28.31
C MET F 1 -8.18 18.51 -26.99
N ALA F 2 -8.92 18.78 -25.91
CA ALA F 2 -8.28 19.03 -24.63
C ALA F 2 -7.75 17.78 -23.95
N ASN F 3 -8.30 16.61 -24.26
CA ASN F 3 -7.81 15.41 -23.59
C ASN F 3 -6.42 14.96 -24.03
N LEU F 4 -5.84 15.51 -25.10
CA LEU F 4 -4.56 15.05 -25.65
C LEU F 4 -3.40 15.94 -25.19
N GLU F 5 -3.67 16.82 -24.23
CA GLU F 5 -2.63 17.67 -23.67
C GLU F 5 -1.55 16.79 -23.07
N ARG F 6 -0.33 17.29 -23.11
CA ARG F 6 0.82 16.54 -22.65
C ARG F 6 1.65 17.39 -21.69
N THR F 7 2.32 16.71 -20.75
CA THR F 7 3.28 17.40 -19.89
C THR F 7 4.56 16.56 -19.78
N PHE F 8 5.63 17.24 -19.38
CA PHE F 8 6.93 16.63 -19.14
C PHE F 8 7.14 16.52 -17.63
N ILE F 9 7.45 15.31 -17.17
CA ILE F 9 7.76 15.04 -15.77
C ILE F 9 9.15 14.41 -15.69
N ALA F 10 10.02 14.97 -14.86
CA ALA F 10 11.36 14.42 -14.69
C ALA F 10 11.59 14.12 -13.22
N ILE F 11 11.96 12.87 -12.93
CA ILE F 11 12.41 12.48 -11.60
C ILE F 11 13.90 12.78 -11.51
N LYS F 12 14.28 13.58 -10.52
CA LYS F 12 15.63 14.07 -10.36
C LYS F 12 16.50 13.02 -9.69
N PRO F 13 17.81 13.28 -9.61
CA PRO F 13 18.71 12.27 -9.02
C PRO F 13 18.36 11.89 -7.59
N ASP F 14 17.85 12.81 -6.77
CA ASP F 14 17.48 12.44 -5.42
C ASP F 14 16.26 11.51 -5.41
N GLY F 15 15.35 11.66 -6.38
CA GLY F 15 14.23 10.75 -6.47
C GLY F 15 14.64 9.34 -6.86
N VAL F 16 15.52 9.22 -7.85
CA VAL F 16 16.05 7.90 -8.21
C VAL F 16 16.83 7.30 -7.05
N GLN F 17 17.69 8.10 -6.41
CA GLN F 17 18.56 7.60 -5.36
C GLN F 17 17.79 7.11 -4.14
N ARG F 18 16.67 7.74 -3.81
CA ARG F 18 15.90 7.32 -2.64
C ARG F 18 14.80 6.31 -2.97
N GLY F 19 14.79 5.79 -4.20
CA GLY F 19 13.91 4.67 -4.54
C GLY F 19 12.46 5.02 -4.74
N LEU F 20 12.16 6.15 -5.37
CA LEU F 20 10.80 6.66 -5.46
C LEU F 20 10.21 6.59 -6.86
N VAL F 21 10.92 6.01 -7.83
CA VAL F 21 10.45 6.03 -9.21
C VAL F 21 9.12 5.30 -9.32
N GLY F 22 9.02 4.12 -8.70
CA GLY F 22 7.80 3.33 -8.83
C GLY F 22 6.59 4.04 -8.24
N GLU F 23 6.74 4.55 -7.02
CA GLU F 23 5.65 5.31 -6.39
C GLU F 23 5.17 6.45 -7.27
N ILE F 24 6.09 7.23 -7.83
CA ILE F 24 5.71 8.40 -8.63
C ILE F 24 4.94 7.95 -9.86
N ILE F 25 5.50 6.98 -10.61
CA ILE F 25 4.81 6.51 -11.80
C ILE F 25 3.44 5.97 -11.41
N LYS F 26 3.34 5.31 -10.26
CA LYS F 26 2.07 4.74 -9.84
C LYS F 26 1.02 5.82 -9.60
N ARG F 27 1.42 6.93 -8.98
CA ARG F 27 0.44 7.98 -8.75
C ARG F 27 -0.08 8.52 -10.07
N PHE F 28 0.81 8.65 -11.07
CA PHE F 28 0.35 9.14 -12.37
C PHE F 28 -0.54 8.11 -13.07
N GLU F 29 -0.19 6.83 -13.00
CA GLU F 29 -1.00 5.80 -13.65
C GLU F 29 -2.40 5.72 -13.04
N GLN F 30 -2.46 5.65 -11.70
CA GLN F 30 -3.75 5.48 -11.04
C GLN F 30 -4.61 6.72 -11.15
N LYS F 31 -4.02 7.91 -11.35
CA LYS F 31 -4.86 9.08 -11.61
C LYS F 31 -5.65 8.92 -12.91
N GLY F 32 -5.14 8.13 -13.85
CA GLY F 32 -5.81 7.94 -15.13
C GLY F 32 -5.09 8.54 -16.32
N PHE F 33 -3.89 9.09 -16.14
CA PHE F 33 -3.12 9.63 -17.24
C PHE F 33 -2.39 8.52 -18.00
N ARG F 34 -2.06 8.82 -19.26
CA ARG F 34 -1.43 7.86 -20.15
C ARG F 34 0.05 8.19 -20.33
N LEU F 35 0.91 7.21 -20.06
CA LEU F 35 2.34 7.38 -20.31
C LEU F 35 2.60 7.40 -21.80
N VAL F 36 3.18 8.49 -22.29
CA VAL F 36 3.51 8.64 -23.70
C VAL F 36 4.97 8.33 -23.97
N ALA F 37 5.86 8.74 -23.06
CA ALA F 37 7.26 8.44 -23.31
C ALA F 37 8.01 8.34 -21.99
N MET F 38 9.12 7.60 -22.00
CA MET F 38 9.94 7.48 -20.80
C MET F 38 11.33 6.99 -21.17
N LYS F 39 12.34 7.64 -20.58
CA LYS F 39 13.71 7.15 -20.69
C LYS F 39 14.49 7.54 -19.44
N PHE F 40 15.57 6.79 -19.22
CA PHE F 40 16.45 6.90 -18.06
C PHE F 40 17.81 7.35 -18.57
N LEU F 41 18.32 8.46 -18.06
CA LEU F 41 19.60 8.90 -18.58
C LEU F 41 20.36 9.71 -17.55
N ARG F 42 21.65 9.95 -17.85
CA ARG F 42 22.46 10.90 -17.09
C ARG F 42 22.29 12.29 -17.73
N ALA F 43 22.05 13.29 -16.89
CA ALA F 43 21.76 14.67 -17.33
C ALA F 43 23.09 15.35 -17.66
N SER F 44 23.28 15.62 -18.95
CA SER F 44 24.49 16.25 -19.45
C SER F 44 24.40 17.75 -19.18
N GLU F 45 25.54 18.41 -19.27
CA GLU F 45 25.50 19.75 -18.68
C GLU F 45 24.89 20.81 -19.56
N GLU F 46 24.47 20.51 -20.78
CA GLU F 46 23.82 21.60 -21.53
C GLU F 46 22.53 22.08 -20.76
N LEU F 64 22.13 22.86 -8.63
CA LEU F 64 22.23 23.79 -9.76
C LEU F 64 22.11 23.03 -11.11
N VAL F 65 23.26 22.83 -11.71
CA VAL F 65 23.38 21.98 -12.92
C VAL F 65 24.52 20.96 -12.84
N LYS F 66 25.56 21.14 -12.02
CA LYS F 66 26.36 20.01 -11.54
C LYS F 66 25.50 18.98 -10.79
N TYR F 67 24.49 19.41 -10.03
CA TYR F 67 23.71 18.48 -9.22
C TYR F 67 22.82 17.57 -10.05
N MET F 68 22.31 18.06 -11.16
CA MET F 68 21.53 17.17 -12.01
C MET F 68 22.41 16.28 -12.88
N ASN F 69 23.69 16.59 -13.07
CA ASN F 69 24.59 15.61 -13.65
C ASN F 69 25.03 14.63 -12.58
N SER F 70 24.95 15.03 -11.30
CA SER F 70 25.36 14.20 -10.19
C SER F 70 24.73 12.82 -10.22
N GLY F 71 23.61 12.67 -10.92
CA GLY F 71 22.98 11.39 -11.02
C GLY F 71 22.02 11.27 -12.19
N PRO F 72 21.35 10.12 -12.23
CA PRO F 72 20.41 9.83 -13.32
C PRO F 72 19.07 10.50 -13.09
N VAL F 73 18.35 10.70 -14.19
CA VAL F 73 17.02 11.24 -14.15
C VAL F 73 16.12 10.31 -14.96
N VAL F 74 14.86 10.26 -14.56
CA VAL F 74 13.82 9.60 -15.34
C VAL F 74 13.01 10.68 -16.03
N ALA F 75 13.12 10.76 -17.35
CA ALA F 75 12.33 11.70 -18.14
C ALA F 75 11.07 11.00 -18.64
N MET F 76 9.93 11.68 -18.55
CA MET F 76 8.66 11.10 -18.91
C MET F 76 7.78 12.15 -19.59
N VAL F 77 6.92 11.68 -20.47
CA VAL F 77 5.85 12.48 -21.06
C VAL F 77 4.54 11.79 -20.76
N TRP F 78 3.61 12.54 -20.16
CA TRP F 78 2.29 12.04 -19.75
C TRP F 78 1.18 12.81 -20.42
N GLU F 79 0.11 12.11 -20.81
CA GLU F 79 -0.99 12.70 -21.56
C GLU F 79 -2.29 12.64 -20.78
N GLY F 80 -3.07 13.71 -20.90
CA GLY F 80 -4.41 13.72 -20.33
C GLY F 80 -4.92 15.14 -20.16
N LEU F 81 -6.22 15.22 -19.86
CA LEU F 81 -6.89 16.50 -19.67
C LEU F 81 -6.28 17.30 -18.53
N ASN F 82 -5.87 18.53 -18.85
CA ASN F 82 -5.28 19.42 -17.85
C ASN F 82 -4.17 18.72 -17.09
N VAL F 83 -3.36 17.96 -17.83
CA VAL F 83 -2.33 17.17 -17.17
C VAL F 83 -1.20 18.05 -16.67
N VAL F 84 -0.94 19.20 -17.31
CA VAL F 84 0.15 20.06 -16.85
C VAL F 84 -0.16 20.59 -15.44
N LYS F 85 -1.30 21.26 -15.30
CA LYS F 85 -1.70 21.84 -14.03
C LYS F 85 -1.99 20.76 -12.99
N THR F 86 -2.77 19.74 -13.38
CA THR F 86 -3.09 18.67 -12.43
C THR F 86 -1.82 17.94 -12.00
N GLY F 87 -0.88 17.73 -12.93
CA GLY F 87 0.41 17.19 -12.55
C GLY F 87 1.11 18.05 -11.51
N ARG F 88 1.13 19.36 -11.73
CA ARG F 88 1.76 20.23 -10.74
C ARG F 88 1.07 20.10 -9.38
N VAL F 89 -0.26 19.98 -9.38
CA VAL F 89 -0.96 19.78 -8.11
C VAL F 89 -0.50 18.49 -7.45
N MET F 90 -0.39 17.41 -8.24
CA MET F 90 -0.03 16.12 -7.67
C MET F 90 1.40 16.11 -7.15
N LEU F 91 2.29 16.86 -7.79
CA LEU F 91 3.65 16.98 -7.28
C LEU F 91 3.65 17.71 -5.94
N GLY F 92 2.72 18.64 -5.76
CA GLY F 92 2.74 19.57 -4.63
C GLY F 92 3.56 20.81 -4.92
N GLU F 93 3.50 21.75 -3.98
CA GLU F 93 4.24 23.00 -4.16
C GLU F 93 5.73 22.71 -4.35
N THR F 94 6.38 23.53 -5.17
CA THR F 94 7.79 23.33 -5.48
C THR F 94 8.65 23.31 -4.22
N ASN F 95 8.33 24.15 -3.24
CA ASN F 95 9.07 24.14 -1.97
C ASN F 95 8.41 23.14 -1.04
N PRO F 96 9.04 22.01 -0.74
CA PRO F 96 8.37 20.99 0.09
C PRO F 96 7.83 21.54 1.40
N ALA F 97 8.46 22.59 1.94
CA ALA F 97 7.98 23.20 3.18
C ALA F 97 6.52 23.61 3.06
N ASP F 98 6.05 23.88 1.83
CA ASP F 98 4.67 24.25 1.60
C ASP F 98 3.81 23.13 1.03
N SER F 99 4.37 21.96 0.77
CA SER F 99 3.63 20.88 0.13
C SER F 99 2.66 20.23 1.10
N LYS F 100 1.49 19.87 0.59
CA LYS F 100 0.48 19.25 1.45
C LYS F 100 0.70 17.75 1.54
N PRO F 101 0.46 17.14 2.70
CA PRO F 101 0.42 15.68 2.75
C PRO F 101 -0.54 15.14 1.72
N GLY F 102 -0.13 14.09 1.02
CA GLY F 102 -0.87 13.55 -0.10
C GLY F 102 -0.29 13.87 -1.46
N THR F 103 0.52 14.91 -1.56
CA THR F 103 1.31 15.17 -2.76
C THR F 103 2.63 14.42 -2.68
N ILE F 104 3.27 14.28 -3.85
CA ILE F 104 4.56 13.58 -3.91
C ILE F 104 5.59 14.28 -3.02
N ARG F 105 5.75 15.59 -3.20
CA ARG F 105 6.71 16.31 -2.38
C ARG F 105 6.24 16.40 -0.94
N GLY F 106 4.94 16.52 -0.71
CA GLY F 106 4.44 16.54 0.65
C GLY F 106 4.72 15.26 1.40
N ASP F 107 4.69 14.12 0.70
CA ASP F 107 4.92 12.84 1.34
C ASP F 107 6.39 12.49 1.46
N PHE F 108 7.23 12.93 0.52
CA PHE F 108 8.55 12.32 0.40
C PHE F 108 9.78 13.23 0.53
N CYS F 109 9.65 14.55 0.71
CA CYS F 109 10.88 15.33 0.83
C CYS F 109 10.67 16.59 1.65
N ILE F 110 11.78 17.30 1.87
CA ILE F 110 11.87 18.29 2.95
C ILE F 110 12.37 19.65 2.46
N GLN F 111 13.35 19.65 1.55
CA GLN F 111 14.07 20.87 1.21
C GLN F 111 14.01 21.12 -0.29
N VAL F 112 13.89 22.38 -0.67
CA VAL F 112 13.63 22.71 -2.06
C VAL F 112 14.78 22.28 -2.97
N GLY F 113 16.01 22.36 -2.47
CA GLY F 113 17.15 21.92 -3.26
C GLY F 113 17.21 20.43 -3.50
N ARG F 114 16.36 19.67 -2.82
CA ARG F 114 16.23 18.22 -3.01
C ARG F 114 14.74 17.86 -3.04
N ASN F 115 14.01 18.39 -4.03
CA ASN F 115 12.57 18.20 -4.13
C ASN F 115 12.18 17.13 -5.15
N ILE F 116 13.12 16.27 -5.49
CA ILE F 116 13.00 14.97 -6.16
C ILE F 116 12.29 14.91 -7.50
N ILE F 117 11.62 15.98 -7.92
CA ILE F 117 10.82 15.89 -9.14
C ILE F 117 10.63 17.28 -9.73
N HIS F 118 10.35 17.31 -11.03
CA HIS F 118 10.04 18.53 -11.77
C HIS F 118 8.91 18.25 -12.74
N GLY F 119 7.96 19.17 -12.83
CA GLY F 119 6.92 19.11 -13.83
C GLY F 119 6.76 20.44 -14.52
N SER F 120 6.37 20.37 -15.80
CA SER F 120 6.18 21.57 -16.58
C SER F 120 5.16 22.50 -15.91
N ASP F 121 5.42 23.81 -15.98
CA ASP F 121 4.53 24.80 -15.37
C ASP F 121 3.50 25.35 -16.33
N SER F 122 3.60 25.04 -17.62
CA SER F 122 2.63 25.52 -18.60
C SER F 122 2.71 24.64 -19.83
N VAL F 123 1.68 24.74 -20.69
CA VAL F 123 1.62 23.92 -21.88
C VAL F 123 2.80 24.22 -22.80
N LYS F 124 3.14 25.50 -22.97
CA LYS F 124 4.21 25.85 -23.89
C LYS F 124 5.56 25.38 -23.36
N SER F 125 5.81 25.61 -22.06
CA SER F 125 6.98 25.04 -21.42
C SER F 125 7.03 23.53 -21.64
N ALA F 126 5.87 22.87 -21.54
CA ALA F 126 5.84 21.41 -21.66
C ALA F 126 6.26 20.97 -23.05
N GLU F 127 5.69 21.60 -24.09
CA GLU F 127 6.06 21.24 -25.45
C GLU F 127 7.53 21.56 -25.72
N LYS F 128 8.06 22.66 -25.15
CA LYS F 128 9.49 22.94 -25.30
C LYS F 128 10.33 21.83 -24.69
N GLU F 129 10.02 21.44 -23.44
CA GLU F 129 10.81 20.41 -22.77
C GLU F 129 10.72 19.10 -23.53
N ILE F 130 9.54 18.77 -24.05
CA ILE F 130 9.37 17.51 -24.76
C ILE F 130 10.24 17.50 -26.02
N SER F 131 10.24 18.60 -26.77
CA SER F 131 11.14 18.68 -27.91
C SER F 131 12.60 18.56 -27.49
N LEU F 132 12.97 19.17 -26.37
CA LEU F 132 14.37 19.21 -25.97
C LEU F 132 14.88 17.86 -25.47
N TRP F 133 14.05 17.11 -24.75
CA TRP F 133 14.48 15.87 -24.11
C TRP F 133 14.19 14.65 -24.95
N PHE F 134 13.17 14.70 -25.81
CA PHE F 134 12.73 13.54 -26.55
C PHE F 134 12.73 13.79 -28.04
N LYS F 135 13.07 12.73 -28.80
CA LYS F 135 12.78 12.72 -30.22
C LYS F 135 11.31 12.36 -30.49
N PRO F 136 10.71 12.92 -31.56
CA PRO F 136 9.30 12.62 -31.83
C PRO F 136 8.98 11.14 -31.91
N GLU F 137 9.91 10.30 -32.37
CA GLU F 137 9.62 8.89 -32.52
C GLU F 137 9.63 8.13 -31.20
N GLU F 138 10.14 8.72 -30.13
CA GLU F 138 10.10 8.14 -28.80
C GLU F 138 8.76 8.35 -28.11
N LEU F 139 7.87 9.15 -28.70
CA LEU F 139 6.55 9.39 -28.15
C LEU F 139 5.60 8.34 -28.70
N VAL F 140 5.08 7.49 -27.84
CA VAL F 140 4.33 6.30 -28.25
C VAL F 140 2.84 6.61 -28.25
N ASP F 141 2.17 6.23 -29.33
CA ASP F 141 0.73 6.43 -29.47
C ASP F 141 0.04 5.10 -29.24
N TYR F 142 -0.87 5.07 -28.27
CA TYR F 142 -1.71 3.91 -28.01
C TYR F 142 -2.93 4.38 -27.24
N LYS F 143 -3.92 3.52 -27.16
CA LYS F 143 -5.15 3.81 -26.45
C LYS F 143 -5.19 3.03 -25.14
N SER F 144 -5.48 3.73 -24.05
CA SER F 144 -5.69 3.07 -22.77
CA SER F 144 -5.68 3.06 -22.77
C SER F 144 -6.97 2.25 -22.82
N CYS F 145 -6.91 1.00 -22.34
CA CYS F 145 -8.11 0.15 -22.35
C CYS F 145 -9.20 0.71 -21.44
N ALA F 146 -8.87 1.61 -20.52
CA ALA F 146 -9.84 2.23 -19.64
C ALA F 146 -10.22 3.64 -20.06
N HIS F 147 -9.85 4.05 -21.28
CA HIS F 147 -10.08 5.43 -21.70
C HIS F 147 -11.55 5.82 -21.62
N ASP F 148 -12.45 4.94 -22.07
CA ASP F 148 -13.86 5.25 -22.04
C ASP F 148 -14.44 5.30 -20.63
N TRP F 149 -13.70 4.83 -19.62
CA TRP F 149 -14.12 4.92 -18.23
C TRP F 149 -13.44 6.06 -17.49
N VAL F 150 -12.45 6.70 -18.09
CA VAL F 150 -11.77 7.83 -17.49
C VAL F 150 -12.31 9.11 -18.09
N TYR F 151 -12.67 9.07 -19.37
CA TYR F 151 -13.21 10.22 -20.08
C TYR F 151 -14.59 9.89 -20.61
N GLU F 152 -15.46 10.90 -20.64
CA GLU F 152 -16.79 10.76 -21.21
C GLU F 152 -16.76 11.03 -22.72
#